data_7XGV
#
_entry.id   7XGV
#
_cell.length_a   75.181
_cell.length_b   76.014
_cell.length_c   126.579
_cell.angle_alpha   90.000
_cell.angle_beta   90.300
_cell.angle_gamma   90.000
#
_symmetry.space_group_name_H-M   'P 1 21 1'
#
loop_
_entity.id
_entity.type
_entity.pdbx_description
1 polymer Lgt2
2 water water
#
_entity_poly.entity_id   1
_entity_poly.type   'polypeptide(L)'
_entity_poly.pdbx_seq_one_letter_code
;MGSSHHHHHHSSGLVPPGSMSEQYWRFKLMTEGGCNQNEATRLITVLKRKLKPFPEESINKLFENDNFCNRLSSYMAYGF
GAAEEWIKKQQILSNIQPLTSEQRVDITPEKDTVSDNKPNIFGAAITFGKSPVVKLLKQNAREICESILMDEPNLKQVEY
IFRLLALQVQETYSGEQAEKLYECIRDKKPIPSKFEEILLPIVNRIKENHTEILNESKRNHLGVTIQLNDPYSFSTKNSF
CIWFSNNPNSAMPKKIKDILEERAKQNAPGVTKLVYSRACLTKKENTNFVQWAKENGITLLDFDELKCQGEDLELWNLAQ
AELKAMREGKGGNPAAASDLVRWISGVIGDVPIAYVDADMPMLTGNKSIKSEEVYAGHPVLLNMGSALVKDGVNLPMENV
AFNTDIINFTGECKDRSIAIKRIAQSLIGNYLHVTERISKSGNPELKRLGLMPGYHQLLKDCEENNNKLSLPMLRKALTQ
AHSNLSSYVRFIGVQRFAEMVGAPEDAPLFQEALQQGNTIVLTNALVAYLVHGMDNVSRLNSSEKENLIKKYLGTQLSLL
YKPLVMEFSGPCAVTREILPLLPTGEPTRYIENLKQPDAQILRVLQTHACVAGKTNFTSDNIPNWITSSEEVERTQSLRT
DGLSWMPSEQARLSK
;
_entity_poly.pdbx_strand_id   A,B
#
# COMPACT_ATOMS: atom_id res chain seq x y z
N SER A 21 11.87 5.62 -32.19
CA SER A 21 10.98 4.54 -32.60
C SER A 21 9.55 4.98 -32.44
N GLU A 22 9.16 5.15 -31.18
CA GLU A 22 7.82 5.55 -30.82
C GLU A 22 7.30 6.82 -31.44
N GLN A 23 8.15 7.80 -31.70
CA GLN A 23 7.69 9.06 -32.27
C GLN A 23 6.99 8.89 -33.57
N TYR A 24 7.56 8.07 -34.43
CA TYR A 24 6.99 7.88 -35.72
C TYR A 24 5.68 7.14 -35.67
N TRP A 25 5.61 6.10 -34.88
CA TRP A 25 4.42 5.28 -34.74
C TRP A 25 3.25 6.15 -34.41
N ARG A 26 3.40 6.98 -33.40
CA ARG A 26 2.36 7.88 -33.03
C ARG A 26 1.98 8.84 -34.16
N PHE A 27 2.92 9.28 -34.98
CA PHE A 27 2.63 10.15 -36.10
C PHE A 27 1.77 9.45 -37.10
N LYS A 28 2.02 8.19 -37.32
CA LYS A 28 1.26 7.43 -38.25
C LYS A 28 -0.16 7.25 -37.77
N LEU A 29 -0.30 6.93 -36.49
CA LEU A 29 -1.59 6.71 -35.93
C LEU A 29 -2.43 7.98 -35.94
N MET A 30 -1.81 9.14 -35.84
CA MET A 30 -2.53 10.38 -35.84
C MET A 30 -2.78 10.87 -37.23
N THR A 31 -1.96 10.47 -38.19
CA THR A 31 -2.16 10.93 -39.55
C THR A 31 -2.94 9.93 -40.33
N GLU A 32 -2.74 8.65 -40.08
CA GLU A 32 -3.43 7.65 -40.84
C GLU A 32 -4.23 6.64 -40.07
N GLY A 33 -4.18 6.68 -38.77
CA GLY A 33 -4.90 5.71 -37.97
C GLY A 33 -6.11 6.27 -37.31
N GLY A 34 -6.47 7.47 -37.64
CA GLY A 34 -7.67 8.01 -37.05
C GLY A 34 -7.60 8.28 -35.57
N CYS A 35 -6.42 8.18 -34.97
CA CYS A 35 -6.25 8.42 -33.54
C CYS A 35 -5.95 9.89 -33.26
N ASN A 36 -6.32 10.35 -32.06
CA ASN A 36 -5.83 11.61 -31.52
C ASN A 36 -4.55 11.36 -30.74
N GLN A 37 -3.88 12.42 -30.25
CA GLN A 37 -2.75 12.21 -29.34
C GLN A 37 -3.05 11.20 -28.25
N ASN A 38 -4.09 11.47 -27.48
CA ASN A 38 -4.30 10.67 -26.28
C ASN A 38 -4.55 9.22 -26.64
N GLU A 39 -5.49 8.97 -27.55
CA GLU A 39 -5.81 7.59 -27.84
C GLU A 39 -4.74 6.90 -28.69
N ALA A 40 -3.91 7.65 -29.43
CA ALA A 40 -2.77 7.02 -30.08
C ALA A 40 -1.77 6.49 -29.05
N THR A 41 -1.57 7.26 -27.97
CA THR A 41 -0.71 6.81 -26.88
C THR A 41 -1.31 5.61 -26.16
N ARG A 42 -2.62 5.67 -25.86
CA ARG A 42 -3.27 4.51 -25.27
C ARG A 42 -3.15 3.30 -26.17
N LEU A 43 -3.09 3.51 -27.48
CA LEU A 43 -2.99 2.38 -28.40
C LEU A 43 -1.63 1.68 -28.30
N ILE A 44 -0.56 2.42 -28.02
CA ILE A 44 0.74 1.77 -28.00
C ILE A 44 0.94 1.00 -26.70
N THR A 45 0.33 1.44 -25.60
CA THR A 45 0.41 0.62 -24.39
C THR A 45 -0.41 -0.66 -24.54
N VAL A 46 -1.51 -0.63 -25.31
CA VAL A 46 -2.28 -1.86 -25.56
C VAL A 46 -1.71 -2.64 -26.75
N LEU A 47 -0.87 -2.03 -27.57
CA LEU A 47 -0.22 -2.76 -28.65
C LEU A 47 0.96 -3.60 -28.15
N GLU A 56 7.15 -6.37 -27.12
CA GLU A 56 8.30 -6.08 -27.97
C GLU A 56 7.94 -4.96 -28.95
N GLU A 57 8.93 -4.14 -29.33
CA GLU A 57 8.70 -3.09 -30.32
C GLU A 57 8.62 -3.70 -31.71
N SER A 58 8.13 -4.94 -31.76
CA SER A 58 7.81 -5.68 -32.98
C SER A 58 6.53 -5.20 -33.64
N ILE A 59 5.80 -4.28 -32.99
CA ILE A 59 4.71 -3.56 -33.64
C ILE A 59 5.10 -3.04 -35.02
N ASN A 60 6.38 -2.75 -35.25
CA ASN A 60 6.79 -1.91 -36.37
C ASN A 60 6.67 -2.58 -37.73
N LYS A 61 6.24 -3.83 -37.73
CA LYS A 61 6.03 -4.49 -38.99
C LYS A 61 4.65 -4.07 -39.48
N LEU A 62 3.77 -3.72 -38.57
CA LEU A 62 2.43 -3.32 -38.97
C LEU A 62 2.44 -2.03 -39.78
N PHE A 63 3.51 -1.24 -39.71
CA PHE A 63 3.57 0.05 -40.39
C PHE A 63 4.34 0.05 -41.70
N GLU A 64 5.01 -1.04 -42.07
CA GLU A 64 5.56 -1.00 -43.42
C GLU A 64 4.48 -1.08 -44.48
N ASN A 65 3.24 -1.42 -44.10
CA ASN A 65 2.11 -1.29 -45.00
C ASN A 65 0.99 -0.51 -44.31
N ASP A 66 0.01 -0.08 -45.11
CA ASP A 66 -1.13 0.65 -44.61
C ASP A 66 -2.17 -0.24 -43.93
N ASN A 67 -2.07 -1.55 -44.12
CA ASN A 67 -3.18 -2.45 -43.81
C ASN A 67 -3.64 -2.30 -42.37
N PHE A 68 -2.70 -2.31 -41.42
CA PHE A 68 -3.11 -2.16 -40.02
C PHE A 68 -3.75 -0.81 -39.80
N CYS A 69 -3.12 0.26 -40.30
CA CYS A 69 -3.63 1.59 -40.05
C CYS A 69 -4.94 1.84 -40.78
N ASN A 70 -5.13 1.26 -41.96
CA ASN A 70 -6.40 1.43 -42.65
C ASN A 70 -7.54 0.81 -41.85
N ARG A 71 -7.40 -0.46 -41.46
CA ARG A 71 -8.44 -1.13 -40.70
C ARG A 71 -8.65 -0.48 -39.34
N LEU A 72 -7.56 -0.13 -38.65
CA LEU A 72 -7.69 0.54 -37.36
C LEU A 72 -8.42 1.87 -37.50
N SER A 73 -8.22 2.56 -38.62
CA SER A 73 -8.95 3.81 -38.85
C SER A 73 -10.44 3.53 -39.02
N SER A 74 -10.79 2.42 -39.68
CA SER A 74 -12.20 2.06 -39.83
C SER A 74 -12.84 1.80 -38.46
N TYR A 75 -12.13 1.07 -37.58
CA TYR A 75 -12.66 0.81 -36.25
C TYR A 75 -12.65 2.05 -35.37
N MET A 76 -11.72 2.97 -35.64
CA MET A 76 -11.61 4.19 -34.85
C MET A 76 -12.82 5.07 -34.99
N ALA A 77 -13.44 5.08 -36.18
CA ALA A 77 -14.65 5.86 -36.42
C ALA A 77 -15.77 5.54 -35.45
N TYR A 78 -15.75 4.35 -34.83
CA TYR A 78 -16.79 3.93 -33.90
C TYR A 78 -16.28 3.88 -32.44
N GLY A 79 -15.36 4.76 -32.09
CA GLY A 79 -14.88 4.87 -30.72
C GLY A 79 -13.63 4.03 -30.46
N PHE A 80 -12.89 4.44 -29.41
CA PHE A 80 -11.64 3.77 -29.07
C PHE A 80 -11.89 2.35 -28.59
N GLY A 81 -12.97 2.11 -27.87
CA GLY A 81 -13.29 0.77 -27.44
C GLY A 81 -13.45 -0.18 -28.62
N ALA A 82 -14.03 0.31 -29.71
CA ALA A 82 -14.18 -0.52 -30.91
C ALA A 82 -12.84 -0.99 -31.43
N ALA A 83 -11.86 -0.09 -31.49
CA ALA A 83 -10.52 -0.48 -31.94
C ALA A 83 -9.83 -1.36 -30.91
N GLU A 84 -9.91 -1.00 -29.63
CA GLU A 84 -9.23 -1.76 -28.60
C GLU A 84 -9.65 -3.21 -28.65
N GLU A 85 -10.94 -3.41 -28.73
CA GLU A 85 -11.53 -4.73 -28.72
C GLU A 85 -11.17 -5.54 -29.92
N TRP A 86 -11.17 -4.92 -31.07
CA TRP A 86 -10.77 -5.60 -32.29
C TRP A 86 -9.35 -6.15 -32.15
N ILE A 87 -8.49 -5.44 -31.41
CA ILE A 87 -7.09 -5.87 -31.31
C ILE A 87 -6.95 -7.09 -30.41
N LYS A 88 -7.73 -7.16 -29.33
CA LYS A 88 -7.54 -8.26 -28.38
C LYS A 88 -8.08 -9.59 -28.92
N LYS A 89 -9.08 -9.52 -29.77
CA LYS A 89 -9.65 -10.72 -30.30
C LYS A 89 -9.06 -11.14 -31.63
N GLN A 90 -8.29 -10.26 -32.24
CA GLN A 90 -7.67 -10.62 -33.50
C GLN A 90 -6.62 -11.68 -33.23
N GLN A 91 -6.73 -12.81 -33.91
CA GLN A 91 -5.80 -13.88 -33.75
C GLN A 91 -4.36 -13.43 -33.61
N ILE A 92 -3.76 -12.96 -34.70
CA ILE A 92 -2.50 -12.23 -34.57
C ILE A 92 -2.49 -11.18 -35.69
N LEU A 93 -2.11 -9.95 -35.32
CA LEU A 93 -1.98 -8.81 -36.24
C LEU A 93 -0.83 -9.07 -37.21
N SER A 94 -0.66 -8.14 -38.14
CA SER A 94 0.19 -8.26 -39.32
C SER A 94 -0.51 -9.18 -40.32
N ASN A 95 -1.61 -9.85 -39.92
CA ASN A 95 -2.46 -10.72 -40.75
C ASN A 95 -3.58 -9.91 -41.34
N ILE A 96 -3.43 -8.60 -41.43
CA ILE A 96 -4.56 -7.77 -41.79
C ILE A 96 -4.49 -7.48 -43.27
N GLN A 97 -5.54 -7.81 -44.00
CA GLN A 97 -5.65 -7.51 -45.42
C GLN A 97 -7.04 -6.94 -45.64
N PRO A 98 -7.25 -6.16 -46.73
CA PRO A 98 -8.53 -5.46 -46.91
C PRO A 98 -9.77 -6.34 -46.85
N LEU A 99 -10.92 -5.69 -46.61
CA LEU A 99 -12.17 -6.35 -46.29
C LEU A 99 -12.92 -6.69 -47.58
N THR A 100 -14.22 -6.99 -47.47
CA THR A 100 -15.03 -7.56 -48.54
C THR A 100 -14.39 -8.84 -49.09
N PRO A 119 -7.60 19.13 -37.39
CA PRO A 119 -7.85 19.26 -38.83
C PRO A 119 -6.70 18.65 -39.65
N ASN A 120 -6.97 17.47 -40.22
CA ASN A 120 -5.93 16.59 -40.75
C ASN A 120 -5.68 16.89 -42.23
N ILE A 121 -4.97 18.00 -42.48
CA ILE A 121 -4.59 18.35 -43.84
C ILE A 121 -3.70 17.27 -44.44
N PHE A 122 -2.75 16.75 -43.66
CA PHE A 122 -1.80 15.78 -44.20
C PHE A 122 -2.51 14.51 -44.65
N GLY A 123 -3.35 13.94 -43.80
CA GLY A 123 -4.10 12.76 -44.18
C GLY A 123 -5.00 13.00 -45.38
N ALA A 124 -5.51 14.23 -45.52
CA ALA A 124 -6.33 14.55 -46.67
C ALA A 124 -5.47 14.67 -47.94
N ALA A 125 -4.25 15.18 -47.81
CA ALA A 125 -3.37 15.31 -48.97
C ALA A 125 -3.02 13.94 -49.54
N ILE A 126 -2.84 12.95 -48.68
CA ILE A 126 -2.46 11.61 -49.13
C ILE A 126 -3.67 10.75 -49.50
N THR A 127 -4.85 11.03 -48.94
CA THR A 127 -6.06 10.33 -49.37
C THR A 127 -6.58 10.83 -50.73
N PHE A 128 -6.74 12.14 -50.89
CA PHE A 128 -7.42 12.71 -52.06
C PHE A 128 -6.44 12.99 -53.20
N GLY A 129 -6.31 12.02 -54.13
CA GLY A 129 -5.28 12.03 -55.18
C GLY A 129 -5.53 12.89 -56.41
N LYS A 130 -6.68 13.51 -56.51
CA LYS A 130 -7.02 14.29 -57.69
C LYS A 130 -7.24 15.72 -57.34
N SER A 131 -6.91 16.09 -56.13
CA SER A 131 -7.19 17.42 -55.68
C SER A 131 -6.22 18.38 -56.36
N PRO A 132 -6.74 19.45 -56.96
CA PRO A 132 -5.87 20.38 -57.69
C PRO A 132 -4.69 20.82 -56.84
N VAL A 133 -4.86 20.86 -55.51
CA VAL A 133 -3.75 21.20 -54.63
C VAL A 133 -2.78 20.02 -54.49
N VAL A 134 -3.31 18.80 -54.34
CA VAL A 134 -2.45 17.64 -54.11
C VAL A 134 -1.54 17.38 -55.32
N LYS A 135 -2.01 17.70 -56.51
CA LYS A 135 -1.21 17.50 -57.72
C LYS A 135 -0.29 18.66 -58.00
N LEU A 136 -0.50 19.82 -57.36
CA LEU A 136 0.52 20.85 -57.38
C LEU A 136 1.63 20.53 -56.38
N LEU A 137 1.29 19.80 -55.32
CA LEU A 137 2.31 19.28 -54.41
C LEU A 137 3.18 18.24 -55.11
N LYS A 138 2.55 17.24 -55.74
CA LYS A 138 3.31 16.24 -56.50
C LYS A 138 4.13 16.88 -57.61
N GLN A 139 3.58 17.87 -58.29
CA GLN A 139 4.36 18.63 -59.26
C GLN A 139 5.61 19.18 -58.61
N ASN A 140 5.44 19.93 -57.53
CA ASN A 140 6.60 20.53 -56.86
C ASN A 140 7.56 19.44 -56.36
N ALA A 141 7.02 18.35 -55.80
CA ALA A 141 7.85 17.26 -55.32
C ALA A 141 8.78 16.73 -56.41
N ARG A 142 8.25 16.53 -57.62
CA ARG A 142 9.08 16.00 -58.70
C ARG A 142 10.10 17.03 -59.18
N GLU A 143 9.76 18.31 -59.14
CA GLU A 143 10.71 19.34 -59.54
C GLU A 143 11.87 19.45 -58.55
N ILE A 144 11.56 19.42 -57.25
CA ILE A 144 12.60 19.47 -56.23
C ILE A 144 13.59 18.32 -56.42
N CYS A 145 13.09 17.16 -56.83
CA CYS A 145 13.94 15.98 -56.93
C CYS A 145 14.91 16.07 -58.11
N GLU A 146 14.43 16.52 -59.27
CA GLU A 146 15.32 16.68 -60.42
C GLU A 146 16.43 17.69 -60.14
N SER A 147 16.23 18.59 -59.18
CA SER A 147 17.30 19.49 -58.77
C SER A 147 18.27 18.81 -57.82
N ILE A 148 17.77 18.21 -56.73
CA ILE A 148 18.63 17.66 -55.69
C ILE A 148 19.17 16.26 -56.00
N LEU A 149 18.57 15.52 -56.94
CA LEU A 149 18.95 14.15 -57.21
C LEU A 149 19.85 14.04 -58.44
N MET A 150 20.34 12.82 -58.67
CA MET A 150 21.26 12.46 -59.75
C MET A 150 20.57 11.79 -60.93
N ASP A 151 19.56 10.96 -60.68
CA ASP A 151 18.87 10.22 -61.71
C ASP A 151 17.41 10.63 -61.76
N GLU A 152 16.61 9.81 -62.46
CA GLU A 152 15.19 10.07 -62.60
C GLU A 152 14.50 9.60 -61.33
N PRO A 153 13.81 10.47 -60.59
CA PRO A 153 13.29 10.10 -59.27
C PRO A 153 12.46 8.82 -59.26
N ASN A 154 12.63 8.05 -58.18
CA ASN A 154 11.79 6.90 -57.89
C ASN A 154 10.41 7.36 -57.40
N LEU A 155 9.45 6.43 -57.38
CA LEU A 155 8.13 6.76 -56.85
C LEU A 155 8.19 7.01 -55.35
N LYS A 156 9.03 6.25 -54.64
CA LYS A 156 9.23 6.48 -53.21
C LYS A 156 9.91 7.82 -52.96
N GLN A 157 10.79 8.24 -53.87
CA GLN A 157 11.53 9.49 -53.67
C GLN A 157 10.63 10.72 -53.83
N VAL A 158 9.60 10.64 -54.68
CA VAL A 158 8.68 11.77 -54.77
C VAL A 158 7.69 11.74 -53.61
N GLU A 159 7.24 10.55 -53.22
CA GLU A 159 6.38 10.44 -52.04
C GLU A 159 7.06 11.01 -50.81
N TYR A 160 8.36 10.78 -50.68
CA TYR A 160 9.13 11.31 -49.57
C TYR A 160 9.08 12.84 -49.54
N ILE A 161 9.44 13.47 -50.67
CA ILE A 161 9.40 14.92 -50.73
C ILE A 161 7.96 15.42 -50.70
N PHE A 162 7.02 14.64 -51.26
CA PHE A 162 5.63 15.09 -51.29
C PHE A 162 5.06 15.20 -49.88
N ARG A 163 5.25 14.16 -49.06
CA ARG A 163 4.76 14.21 -47.70
C ARG A 163 5.51 15.25 -46.87
N LEU A 164 6.78 15.52 -47.19
CA LEU A 164 7.49 16.62 -46.55
C LEU A 164 6.80 17.95 -46.83
N LEU A 165 6.45 18.21 -48.09
CA LEU A 165 5.74 19.44 -48.45
C LEU A 165 4.37 19.49 -47.77
N ALA A 166 3.63 18.38 -47.81
CA ALA A 166 2.28 18.36 -47.26
C ALA A 166 2.27 18.67 -45.78
N LEU A 167 3.20 18.07 -45.02
CA LEU A 167 3.21 18.30 -43.57
C LEU A 167 3.70 19.70 -43.24
N GLN A 168 4.60 20.25 -44.04
CA GLN A 168 5.01 21.63 -43.80
C GLN A 168 3.88 22.59 -44.12
N VAL A 169 3.07 22.26 -45.13
CA VAL A 169 1.89 23.08 -45.42
C VAL A 169 0.90 22.98 -44.28
N GLN A 170 0.71 21.77 -43.73
CA GLN A 170 -0.13 21.63 -42.54
C GLN A 170 0.45 22.38 -41.35
N GLU A 171 1.77 22.54 -41.29
CA GLU A 171 2.41 23.24 -40.18
C GLU A 171 2.51 24.75 -40.44
N THR A 172 2.26 25.20 -41.66
CA THR A 172 2.22 26.62 -41.97
C THR A 172 0.83 27.21 -41.90
N TYR A 173 -0.20 26.42 -42.16
CA TYR A 173 -1.58 26.87 -42.03
C TYR A 173 -2.07 26.64 -40.60
N SER A 174 -2.92 27.55 -40.13
CA SER A 174 -3.56 27.34 -38.84
C SER A 174 -4.88 28.10 -38.76
N GLY A 175 -5.77 27.62 -37.90
CA GLY A 175 -7.03 28.29 -37.65
C GLY A 175 -8.08 28.00 -38.71
N GLU A 176 -8.84 29.03 -39.08
CA GLU A 176 -9.85 28.88 -40.12
C GLU A 176 -9.19 28.66 -41.48
N GLN A 177 -7.99 29.20 -41.69
CA GLN A 177 -7.33 29.00 -42.97
C GLN A 177 -6.76 27.60 -43.11
N ALA A 178 -6.51 26.90 -42.00
CA ALA A 178 -6.26 25.46 -42.03
C ALA A 178 -7.51 24.67 -42.40
N GLU A 179 -8.63 24.97 -41.75
CA GLU A 179 -9.85 24.23 -41.99
C GLU A 179 -10.36 24.45 -43.41
N LYS A 180 -10.21 25.67 -43.93
CA LYS A 180 -10.67 25.98 -45.28
C LYS A 180 -9.93 25.14 -46.31
N LEU A 181 -8.60 25.08 -46.22
CA LEU A 181 -7.85 24.32 -47.21
C LEU A 181 -7.98 22.81 -46.99
N TYR A 182 -8.33 22.36 -45.78
CA TYR A 182 -8.66 20.95 -45.59
C TYR A 182 -9.93 20.57 -46.33
N GLU A 183 -10.97 21.41 -46.24
CA GLU A 183 -12.19 21.17 -47.02
C GLU A 183 -11.92 21.32 -48.51
N CYS A 184 -11.03 22.25 -48.89
CA CYS A 184 -10.65 22.38 -50.28
C CYS A 184 -9.94 21.13 -50.80
N ILE A 185 -9.18 20.45 -49.95
CA ILE A 185 -8.51 19.21 -50.38
C ILE A 185 -9.55 18.13 -50.63
N ARG A 186 -10.52 18.02 -49.71
CA ARG A 186 -11.56 17.00 -49.77
C ARG A 186 -12.61 17.31 -50.82
N ASP A 187 -12.84 18.60 -51.15
CA ASP A 187 -13.86 19.01 -52.12
C ASP A 187 -13.28 19.36 -53.50
N LYS A 188 -11.98 19.12 -53.71
CA LYS A 188 -11.29 19.33 -54.99
C LYS A 188 -11.57 20.67 -55.63
N LYS A 189 -11.75 21.68 -54.78
CA LYS A 189 -11.82 23.04 -55.24
C LYS A 189 -10.45 23.45 -55.78
N PRO A 190 -10.41 24.35 -56.74
CA PRO A 190 -9.13 24.81 -57.28
C PRO A 190 -8.24 25.41 -56.19
N ILE A 191 -6.95 25.49 -56.50
CA ILE A 191 -5.98 25.95 -55.51
C ILE A 191 -6.20 27.43 -55.24
N PRO A 192 -6.16 27.89 -53.99
CA PRO A 192 -6.47 29.29 -53.72
C PRO A 192 -5.43 30.21 -54.34
N SER A 193 -5.84 31.43 -54.63
CA SER A 193 -4.89 32.45 -55.04
C SER A 193 -3.85 32.66 -53.95
N LYS A 194 -2.60 32.86 -54.38
CA LYS A 194 -1.51 33.21 -53.48
C LYS A 194 -1.16 32.02 -52.56
N PHE A 195 -1.67 30.82 -52.87
CA PHE A 195 -1.24 29.61 -52.18
C PHE A 195 0.11 29.17 -52.73
N GLU A 196 0.35 29.43 -54.02
CA GLU A 196 1.64 29.13 -54.62
C GLU A 196 2.73 30.03 -54.09
N GLU A 197 2.37 31.12 -53.42
CA GLU A 197 3.37 31.95 -52.76
C GLU A 197 3.54 31.58 -51.28
N ILE A 198 2.52 30.98 -50.66
CA ILE A 198 2.73 30.36 -49.36
C ILE A 198 3.65 29.16 -49.49
N LEU A 199 3.58 28.46 -50.62
CA LEU A 199 4.29 27.23 -50.83
C LEU A 199 5.70 27.41 -51.39
N LEU A 200 6.03 28.62 -51.89
CA LEU A 200 7.35 28.80 -52.47
C LEU A 200 8.46 28.81 -51.44
N PRO A 201 8.37 29.55 -50.32
CA PRO A 201 9.41 29.44 -49.30
C PRO A 201 9.51 28.04 -48.71
N ILE A 202 8.38 27.33 -48.58
CA ILE A 202 8.44 25.95 -48.14
C ILE A 202 9.28 25.12 -49.11
N VAL A 203 8.99 25.25 -50.42
CA VAL A 203 9.66 24.45 -51.43
C VAL A 203 11.16 24.71 -51.39
N ASN A 204 11.54 25.98 -51.28
CA ASN A 204 12.96 26.32 -51.32
C ASN A 204 13.71 25.84 -50.09
N ARG A 205 13.03 25.59 -48.97
CA ARG A 205 13.72 25.09 -47.79
C ARG A 205 13.94 23.58 -47.84
N ILE A 206 12.89 22.81 -48.17
CA ILE A 206 13.07 21.36 -48.34
C ILE A 206 14.17 21.09 -49.37
N LYS A 207 14.26 21.93 -50.39
CA LYS A 207 15.23 21.72 -51.46
C LYS A 207 16.62 22.15 -51.02
N GLU A 208 16.72 23.26 -50.29
CA GLU A 208 18.02 23.70 -49.80
C GLU A 208 18.51 22.85 -48.64
N ASN A 209 17.59 22.25 -47.87
CA ASN A 209 17.93 21.25 -46.88
C ASN A 209 18.51 19.99 -47.51
N HIS A 210 18.28 19.78 -48.80
CA HIS A 210 18.79 18.61 -49.49
C HIS A 210 19.86 18.96 -50.53
N THR A 211 20.37 20.21 -50.51
CA THR A 211 21.35 20.64 -51.51
C THR A 211 22.62 21.21 -50.91
N GLU A 212 22.52 21.96 -49.82
CA GLU A 212 23.70 22.58 -49.24
C GLU A 212 24.44 21.60 -48.35
N ILE A 213 25.76 21.75 -48.32
CA ILE A 213 26.56 21.05 -47.32
C ILE A 213 26.07 21.48 -45.94
N LEU A 214 25.95 20.52 -45.03
CA LEU A 214 25.61 20.88 -43.67
C LEU A 214 26.67 21.82 -43.13
N ASN A 215 26.23 22.86 -42.41
CA ASN A 215 27.24 23.77 -41.90
C ASN A 215 27.91 23.14 -40.68
N GLU A 216 28.95 23.81 -40.19
CA GLU A 216 29.74 23.24 -39.10
C GLU A 216 28.94 23.11 -37.80
N SER A 217 27.87 23.87 -37.63
CA SER A 217 27.10 23.77 -36.39
C SER A 217 26.24 22.52 -36.35
N LYS A 218 25.93 21.93 -37.52
CA LYS A 218 25.21 20.68 -37.59
C LYS A 218 26.14 19.48 -37.74
N ARG A 219 27.45 19.72 -37.70
CA ARG A 219 28.45 18.65 -37.77
C ARG A 219 29.29 18.58 -36.51
N ASN A 220 28.81 19.15 -35.41
CA ASN A 220 29.58 19.16 -34.17
C ASN A 220 29.35 17.84 -33.45
N HIS A 221 30.39 17.01 -33.39
CA HIS A 221 30.31 15.63 -32.91
C HIS A 221 31.27 15.49 -31.74
N LEU A 222 30.74 15.35 -30.53
CA LEU A 222 31.54 15.26 -29.31
C LEU A 222 32.44 16.49 -29.15
N GLY A 223 31.91 17.65 -29.51
CA GLY A 223 32.63 18.90 -29.35
C GLY A 223 33.63 19.21 -30.44
N VAL A 224 33.71 18.41 -31.49
CA VAL A 224 34.66 18.59 -32.57
C VAL A 224 33.91 18.55 -33.88
N THR A 225 34.21 19.50 -34.77
CA THR A 225 33.54 19.55 -36.08
C THR A 225 33.99 18.37 -36.94
N ILE A 226 33.02 17.68 -37.53
CA ILE A 226 33.32 16.65 -38.52
C ILE A 226 33.72 17.35 -39.81
N GLN A 227 34.99 17.20 -40.20
CA GLN A 227 35.53 17.87 -41.37
C GLN A 227 35.42 16.98 -42.61
N LEU A 228 35.08 17.60 -43.74
CA LEU A 228 34.85 16.84 -44.96
C LEU A 228 36.11 16.58 -45.76
N ASN A 229 37.24 17.21 -45.39
CA ASN A 229 38.51 17.01 -46.07
C ASN A 229 39.39 15.96 -45.40
N ASP A 230 38.86 15.26 -44.39
CA ASP A 230 39.51 14.15 -43.71
C ASP A 230 40.95 14.46 -43.30
N PRO A 231 41.17 15.42 -42.40
CA PRO A 231 42.55 15.80 -42.06
C PRO A 231 43.20 14.94 -40.99
N TYR A 232 42.45 14.07 -40.29
CA TYR A 232 43.02 13.29 -39.19
C TYR A 232 43.56 11.96 -39.70
N SER A 233 44.75 11.59 -39.23
CA SER A 233 45.42 10.38 -39.67
C SER A 233 45.26 9.26 -38.65
N PHE A 234 45.20 8.03 -39.15
CA PHE A 234 44.98 6.87 -38.31
C PHE A 234 45.91 5.75 -38.74
N SER A 235 46.12 4.82 -37.81
CA SER A 235 46.87 3.60 -38.06
C SER A 235 45.91 2.44 -38.32
N THR A 236 46.26 1.61 -39.28
CA THR A 236 45.58 0.33 -39.49
C THR A 236 46.33 -0.82 -38.81
N LYS A 237 47.34 -0.52 -38.01
CA LYS A 237 48.18 -1.57 -37.46
C LYS A 237 48.29 -1.52 -35.93
N ASN A 238 48.24 -0.31 -35.36
CA ASN A 238 48.25 -0.16 -33.91
C ASN A 238 46.86 -0.49 -33.36
N SER A 239 46.84 -1.27 -32.29
CA SER A 239 45.58 -1.56 -31.62
C SER A 239 45.84 -1.84 -30.16
N PHE A 240 44.83 -1.59 -29.34
CA PHE A 240 44.84 -2.06 -27.97
C PHE A 240 43.49 -2.68 -27.65
N CYS A 241 43.51 -3.61 -26.69
CA CYS A 241 42.32 -4.24 -26.15
C CYS A 241 42.46 -4.32 -24.64
N ILE A 242 41.40 -4.77 -23.98
CA ILE A 242 41.32 -4.79 -22.51
C ILE A 242 40.76 -6.12 -22.06
N TRP A 243 41.33 -6.69 -21.01
CA TRP A 243 40.76 -7.91 -20.45
C TRP A 243 41.06 -7.96 -18.95
N PHE A 244 40.02 -7.76 -18.16
CA PHE A 244 40.11 -7.90 -16.71
C PHE A 244 39.48 -9.24 -16.38
N SER A 245 40.31 -10.23 -16.08
CA SER A 245 39.81 -11.56 -15.77
C SER A 245 39.14 -11.57 -14.40
N ASN A 246 38.00 -12.26 -14.32
CA ASN A 246 37.36 -12.53 -13.04
C ASN A 246 37.88 -13.84 -12.42
N ASN A 247 38.91 -14.43 -12.99
CA ASN A 247 39.50 -15.67 -12.50
C ASN A 247 40.98 -15.39 -12.23
N PRO A 248 41.39 -15.28 -10.97
CA PRO A 248 42.79 -14.92 -10.68
C PRO A 248 43.82 -15.93 -11.18
N ASN A 249 43.41 -17.14 -11.52
CA ASN A 249 44.34 -18.16 -12.00
C ASN A 249 44.34 -18.32 -13.52
N SER A 250 43.51 -17.57 -14.23
CA SER A 250 43.53 -17.60 -15.70
C SER A 250 43.39 -16.16 -16.20
N ALA A 251 44.51 -15.57 -16.62
CA ALA A 251 44.50 -14.15 -17.00
C ALA A 251 43.61 -13.83 -18.20
N MET A 252 43.35 -14.80 -19.08
CA MET A 252 42.68 -14.59 -20.36
C MET A 252 42.44 -15.95 -20.99
N PRO A 253 41.24 -16.22 -21.49
CA PRO A 253 40.97 -17.52 -22.11
C PRO A 253 41.95 -17.80 -23.23
N LYS A 254 42.21 -19.10 -23.44
CA LYS A 254 43.22 -19.50 -24.40
C LYS A 254 42.85 -19.12 -25.82
N LYS A 255 41.57 -19.20 -26.18
CA LYS A 255 41.21 -18.90 -27.56
C LYS A 255 41.21 -17.40 -27.83
N ILE A 256 41.10 -16.57 -26.79
CA ILE A 256 41.32 -15.14 -26.96
C ILE A 256 42.82 -14.84 -27.03
N LYS A 257 43.63 -15.54 -26.24
CA LYS A 257 45.09 -15.45 -26.37
C LYS A 257 45.53 -15.78 -27.79
N ASP A 258 44.94 -16.81 -28.40
CA ASP A 258 45.30 -17.17 -29.77
C ASP A 258 44.96 -16.05 -30.72
N ILE A 259 43.80 -15.39 -30.52
CA ILE A 259 43.41 -14.29 -31.38
C ILE A 259 44.43 -13.14 -31.28
N LEU A 260 44.95 -12.90 -30.09
CA LEU A 260 45.90 -11.81 -29.91
C LEU A 260 47.26 -12.17 -30.49
N GLU A 261 47.67 -13.44 -30.38
CA GLU A 261 48.88 -13.89 -31.06
C GLU A 261 48.77 -13.66 -32.55
N GLU A 262 47.58 -13.87 -33.13
CA GLU A 262 47.39 -13.62 -34.55
C GLU A 262 47.46 -12.13 -34.85
N ARG A 263 46.81 -11.31 -34.02
CA ARG A 263 46.78 -9.87 -34.26
C ARG A 263 48.18 -9.30 -34.19
N ALA A 264 48.96 -9.71 -33.18
CA ALA A 264 50.32 -9.25 -33.10
C ALA A 264 51.11 -9.70 -34.34
N LYS A 265 50.86 -10.85 -34.87
CA LYS A 265 51.64 -11.19 -35.99
C LYS A 265 51.18 -10.53 -37.24
N GLN A 266 49.91 -10.31 -37.43
CA GLN A 266 49.52 -9.67 -38.64
C GLN A 266 49.83 -8.21 -38.64
N ASN A 267 49.76 -7.60 -37.50
CA ASN A 267 49.95 -6.19 -37.44
C ASN A 267 51.31 -5.64 -37.59
N ALA A 268 52.22 -6.56 -37.87
CA ALA A 268 53.60 -6.31 -38.13
C ALA A 268 54.23 -5.63 -37.02
N PRO A 269 54.74 -4.44 -37.26
CA PRO A 269 55.66 -3.75 -36.39
C PRO A 269 54.76 -2.85 -35.65
N GLY A 270 53.47 -2.91 -35.95
CA GLY A 270 52.61 -2.08 -35.17
C GLY A 270 52.41 -2.63 -33.79
N VAL A 271 51.96 -1.78 -32.94
CA VAL A 271 51.69 -2.14 -31.58
C VAL A 271 50.44 -2.95 -31.41
N THR A 272 50.52 -4.00 -30.64
CA THR A 272 49.35 -4.79 -30.24
C THR A 272 49.34 -4.75 -28.72
N LYS A 273 48.56 -3.82 -28.17
CA LYS A 273 48.62 -3.55 -26.76
C LYS A 273 47.49 -4.27 -26.05
N LEU A 274 47.75 -4.75 -24.84
CA LEU A 274 46.77 -5.47 -24.05
C LEU A 274 46.78 -4.88 -22.66
N VAL A 275 45.64 -4.34 -22.23
CA VAL A 275 45.48 -3.71 -20.92
C VAL A 275 44.86 -4.72 -19.99
N TYR A 276 45.38 -4.81 -18.78
CA TYR A 276 44.85 -5.73 -17.79
C TYR A 276 45.06 -5.11 -16.41
N SER A 277 44.67 -5.87 -15.39
CA SER A 277 44.80 -5.45 -14.00
C SER A 277 45.59 -6.50 -13.23
N ARG A 278 46.76 -6.11 -12.74
CA ARG A 278 47.57 -7.02 -11.93
C ARG A 278 46.85 -7.45 -10.65
N ALA A 279 46.05 -6.56 -10.04
CA ALA A 279 45.34 -6.90 -8.81
C ALA A 279 44.32 -8.01 -9.00
N CYS A 280 43.98 -8.34 -10.24
CA CYS A 280 42.99 -9.38 -10.50
C CYS A 280 43.61 -10.76 -10.71
N LEU A 281 44.94 -10.86 -10.71
CA LEU A 281 45.62 -12.13 -10.93
C LEU A 281 46.39 -12.54 -9.69
N THR A 282 46.67 -13.84 -9.58
CA THR A 282 47.65 -14.30 -8.61
C THR A 282 49.06 -13.94 -9.09
N LYS A 283 50.00 -13.95 -8.15
CA LYS A 283 51.40 -13.67 -8.50
C LYS A 283 51.90 -14.65 -9.54
N LYS A 284 51.61 -15.94 -9.35
CA LYS A 284 52.08 -16.96 -10.29
C LYS A 284 51.45 -16.76 -11.66
N GLU A 285 50.15 -16.45 -11.71
CA GLU A 285 49.49 -16.28 -13.00
C GLU A 285 49.95 -15.01 -13.70
N ASN A 286 50.18 -13.94 -12.95
CA ASN A 286 50.68 -12.70 -13.56
C ASN A 286 52.03 -12.93 -14.25
N THR A 287 52.95 -13.62 -13.59
CA THR A 287 54.24 -13.92 -14.20
C THR A 287 54.06 -14.71 -15.49
N ASN A 288 53.20 -15.74 -15.46
CA ASN A 288 52.92 -16.50 -16.67
C ASN A 288 52.37 -15.60 -17.77
N PHE A 289 51.45 -14.70 -17.41
CA PHE A 289 50.84 -13.79 -18.37
C PHE A 289 51.88 -12.88 -19.00
N VAL A 290 52.72 -12.27 -18.15
CA VAL A 290 53.74 -11.34 -18.62
C VAL A 290 54.68 -12.01 -19.62
N GLN A 291 55.05 -13.26 -19.35
CA GLN A 291 55.96 -13.94 -20.26
C GLN A 291 55.26 -14.32 -21.55
N TRP A 292 53.99 -14.75 -21.46
CA TRP A 292 53.23 -15.05 -22.66
C TRP A 292 53.16 -13.84 -23.59
N ALA A 293 52.90 -12.65 -23.04
CA ALA A 293 52.87 -11.45 -23.89
C ALA A 293 54.24 -11.14 -24.46
N LYS A 294 55.30 -11.36 -23.68
CA LYS A 294 56.64 -11.06 -24.17
C LYS A 294 57.01 -11.98 -25.33
N GLU A 295 56.67 -13.26 -25.23
CA GLU A 295 57.02 -14.20 -26.28
C GLU A 295 56.16 -14.07 -27.53
N ASN A 296 55.09 -13.29 -27.51
CA ASN A 296 54.21 -13.22 -28.66
C ASN A 296 54.08 -11.81 -29.22
N GLY A 297 54.97 -10.89 -28.82
CA GLY A 297 55.01 -9.57 -29.41
C GLY A 297 53.88 -8.67 -28.98
N ILE A 298 53.33 -8.91 -27.79
CA ILE A 298 52.17 -8.19 -27.27
C ILE A 298 52.62 -7.23 -26.19
N THR A 299 52.18 -5.98 -26.28
CA THR A 299 52.54 -4.94 -25.32
C THR A 299 51.53 -4.93 -24.18
N LEU A 300 51.95 -5.44 -23.03
CA LEU A 300 51.11 -5.47 -21.84
C LEU A 300 51.14 -4.11 -21.15
N LEU A 301 49.99 -3.68 -20.65
CA LEU A 301 49.93 -2.49 -19.81
C LEU A 301 49.13 -2.83 -18.56
N ASP A 302 49.80 -2.80 -17.41
CA ASP A 302 49.11 -3.02 -16.13
C ASP A 302 48.55 -1.67 -15.70
N PHE A 303 47.24 -1.49 -15.90
CA PHE A 303 46.65 -0.18 -15.64
C PHE A 303 46.58 0.14 -14.15
N ASP A 304 46.87 -0.83 -13.27
CA ASP A 304 46.99 -0.53 -11.85
C ASP A 304 48.14 0.43 -11.57
N GLU A 305 49.19 0.41 -12.41
CA GLU A 305 50.36 1.23 -12.18
C GLU A 305 50.24 2.63 -12.76
N LEU A 306 49.17 2.93 -13.49
CA LEU A 306 49.02 4.22 -14.12
C LEU A 306 48.80 5.32 -13.08
N LYS A 307 49.44 6.47 -13.30
CA LYS A 307 49.20 7.66 -12.50
C LYS A 307 48.40 8.64 -13.35
N CYS A 308 47.19 8.98 -12.89
CA CYS A 308 46.25 9.76 -13.66
C CYS A 308 45.86 11.03 -12.92
N GLN A 309 45.34 11.99 -13.68
CA GLN A 309 44.79 13.23 -13.14
C GLN A 309 43.54 13.61 -13.92
N GLY A 310 42.73 14.48 -13.30
CA GLY A 310 41.54 14.98 -13.96
C GLY A 310 40.56 13.87 -14.29
N GLU A 311 39.92 13.98 -15.45
CA GLU A 311 38.95 12.97 -15.88
C GLU A 311 39.57 11.58 -15.87
N ASP A 312 40.78 11.44 -16.41
CA ASP A 312 41.52 10.18 -16.35
C ASP A 312 41.47 9.56 -14.97
N LEU A 313 41.70 10.37 -13.94
CA LEU A 313 41.71 9.82 -12.59
C LEU A 313 40.30 9.45 -12.14
N GLU A 314 39.28 10.18 -12.59
CA GLU A 314 37.91 9.83 -12.25
C GLU A 314 37.52 8.49 -12.86
N LEU A 315 37.89 8.27 -14.12
CA LEU A 315 37.65 6.98 -14.76
C LEU A 315 38.46 5.87 -14.08
N TRP A 316 39.72 6.16 -13.74
CA TRP A 316 40.58 5.15 -13.11
C TRP A 316 39.99 4.69 -11.79
N ASN A 317 39.51 5.64 -10.98
CA ASN A 317 38.93 5.30 -9.70
C ASN A 317 37.65 4.47 -9.85
N LEU A 318 36.80 4.83 -10.81
CA LEU A 318 35.57 4.08 -11.00
C LEU A 318 35.84 2.68 -11.51
N ALA A 319 36.81 2.54 -12.43
CA ALA A 319 37.15 1.22 -12.95
C ALA A 319 37.75 0.34 -11.85
N GLN A 320 38.62 0.90 -11.00
CA GLN A 320 39.14 0.15 -9.88
C GLN A 320 38.01 -0.27 -8.92
N ALA A 321 37.02 0.60 -8.71
CA ALA A 321 35.87 0.24 -7.86
C ALA A 321 35.10 -0.94 -8.43
N GLU A 322 34.82 -0.90 -9.75
CA GLU A 322 34.15 -2.03 -10.39
C GLU A 322 34.94 -3.31 -10.21
N LEU A 323 36.25 -3.26 -10.47
CA LEU A 323 37.05 -4.47 -10.38
C LEU A 323 37.17 -4.97 -8.95
N LYS A 324 37.24 -4.05 -7.98
CA LYS A 324 37.27 -4.46 -6.59
C LYS A 324 35.93 -5.09 -6.19
N ALA A 325 34.82 -4.49 -6.63
CA ALA A 325 33.52 -5.07 -6.32
C ALA A 325 33.30 -6.38 -7.07
N MET A 326 33.95 -6.57 -8.22
CA MET A 326 33.89 -7.88 -8.88
C MET A 326 34.62 -8.93 -8.05
N ARG A 327 35.84 -8.63 -7.60
CA ARG A 327 36.63 -9.59 -6.86
C ARG A 327 35.96 -9.97 -5.55
N GLU A 328 35.24 -9.04 -4.93
CA GLU A 328 34.58 -9.26 -3.67
C GLU A 328 33.17 -9.80 -3.83
N GLY A 329 32.73 -10.08 -5.06
CA GLY A 329 31.38 -10.59 -5.27
C GLY A 329 30.32 -9.61 -4.81
N LYS A 330 30.53 -8.32 -5.08
CA LYS A 330 29.63 -7.27 -4.65
C LYS A 330 29.10 -6.47 -5.82
N GLY A 331 28.86 -7.15 -6.94
CA GLY A 331 28.15 -6.54 -8.06
C GLY A 331 29.01 -5.82 -9.07
N GLY A 332 30.33 -5.91 -8.97
CA GLY A 332 31.20 -5.26 -9.94
C GLY A 332 31.35 -6.09 -11.20
N ASN A 333 31.58 -5.40 -12.32
CA ASN A 333 31.60 -6.06 -13.62
C ASN A 333 32.85 -5.69 -14.41
N PRO A 334 33.57 -6.66 -14.96
CA PRO A 334 34.82 -6.32 -15.66
C PRO A 334 34.61 -5.65 -17.01
N ALA A 335 33.46 -5.85 -17.66
CA ALA A 335 33.21 -5.10 -18.90
C ALA A 335 32.89 -3.64 -18.60
N ALA A 336 32.20 -3.36 -17.49
CA ALA A 336 32.01 -1.97 -17.10
C ALA A 336 33.35 -1.29 -16.88
N ALA A 337 34.29 -1.99 -16.23
CA ALA A 337 35.62 -1.45 -16.05
C ALA A 337 36.32 -1.21 -17.40
N SER A 338 36.19 -2.17 -18.32
CA SER A 338 36.77 -2.01 -19.66
C SER A 338 36.14 -0.85 -20.41
N ASP A 339 34.83 -0.65 -20.22
CA ASP A 339 34.10 0.43 -20.88
C ASP A 339 34.64 1.79 -20.52
N LEU A 340 35.16 1.93 -19.29
CA LEU A 340 35.69 3.16 -18.75
C LEU A 340 37.16 3.35 -19.07
N VAL A 341 37.95 2.28 -18.95
CA VAL A 341 39.39 2.36 -19.13
C VAL A 341 39.74 2.66 -20.58
N ARG A 342 38.93 2.20 -21.52
CA ARG A 342 38.89 2.56 -22.93
C ARG A 342 39.23 4.02 -23.21
N TRP A 343 38.76 4.93 -22.36
CA TRP A 343 38.77 6.38 -22.62
C TRP A 343 39.81 7.12 -21.80
N ILE A 344 40.71 6.40 -21.11
CA ILE A 344 41.77 7.02 -20.34
C ILE A 344 42.94 7.34 -21.28
N SER A 345 43.45 8.57 -21.19
CA SER A 345 44.46 9.01 -22.16
C SER A 345 45.75 8.21 -22.04
N GLY A 346 46.17 7.90 -20.81
CA GLY A 346 47.35 7.08 -20.62
C GLY A 346 47.16 5.64 -21.04
N VAL A 347 45.91 5.17 -21.12
CA VAL A 347 45.65 3.85 -21.67
C VAL A 347 45.74 3.88 -23.19
N ILE A 348 45.04 4.86 -23.81
CA ILE A 348 45.05 4.97 -25.27
C ILE A 348 46.48 5.21 -25.79
N GLY A 349 47.18 6.17 -25.20
CA GLY A 349 48.52 6.50 -25.67
C GLY A 349 48.51 7.62 -26.69
N ASP A 350 49.70 8.00 -27.13
CA ASP A 350 49.89 9.22 -27.91
C ASP A 350 49.85 9.02 -29.41
N VAL A 351 50.10 7.81 -29.90
CA VAL A 351 50.10 7.58 -31.35
C VAL A 351 48.74 7.08 -31.80
N PRO A 352 48.38 7.24 -33.08
CA PRO A 352 47.10 6.71 -33.55
C PRO A 352 46.99 5.22 -33.24
N ILE A 353 45.82 4.81 -32.75
CA ILE A 353 45.61 3.45 -32.28
C ILE A 353 44.11 3.20 -32.26
N ALA A 354 43.72 1.95 -32.53
CA ALA A 354 42.34 1.52 -32.47
C ALA A 354 42.11 0.73 -31.19
N TYR A 355 41.07 1.10 -30.44
CA TYR A 355 40.55 0.15 -29.46
C TYR A 355 39.77 -0.94 -30.20
N VAL A 356 39.95 -2.18 -29.77
CA VAL A 356 39.14 -3.28 -30.28
C VAL A 356 38.79 -4.19 -29.11
N ASP A 357 37.65 -4.87 -29.22
CA ASP A 357 37.32 -5.91 -28.27
C ASP A 357 38.36 -7.02 -28.42
N ALA A 358 38.74 -7.64 -27.29
CA ALA A 358 39.86 -8.57 -27.29
C ALA A 358 39.68 -9.71 -28.29
N ASP A 359 38.45 -10.16 -28.51
CA ASP A 359 38.19 -11.26 -29.44
C ASP A 359 37.87 -10.79 -30.85
N MET A 360 38.05 -9.50 -31.15
CA MET A 360 37.69 -8.96 -32.45
C MET A 360 38.53 -9.58 -33.56
N PRO A 361 37.93 -10.22 -34.56
CA PRO A 361 38.68 -10.81 -35.67
C PRO A 361 39.13 -9.73 -36.65
N MET A 362 39.91 -10.16 -37.63
CA MET A 362 40.57 -9.26 -38.56
C MET A 362 40.43 -9.75 -40.00
N LEU A 363 40.49 -8.81 -40.95
CA LEU A 363 40.34 -9.11 -42.36
C LEU A 363 41.65 -9.57 -43.01
N THR A 364 42.50 -10.26 -42.24
CA THR A 364 43.82 -10.70 -42.70
C THR A 364 43.79 -11.31 -44.09
N GLY A 365 44.80 -10.95 -44.90
CA GLY A 365 45.04 -11.57 -46.19
C GLY A 365 45.15 -10.63 -47.37
N ASN A 366 44.66 -11.07 -48.53
CA ASN A 366 44.74 -10.28 -49.76
C ASN A 366 43.63 -9.24 -49.86
N LYS A 367 42.67 -9.24 -48.94
CA LYS A 367 41.58 -8.28 -48.96
C LYS A 367 41.71 -7.22 -47.87
N SER A 368 42.78 -7.24 -47.09
CA SER A 368 43.02 -6.27 -46.03
C SER A 368 43.60 -4.97 -46.59
N ILE A 369 43.83 -4.01 -45.70
CA ILE A 369 44.38 -2.71 -46.05
C ILE A 369 45.90 -2.78 -45.88
N LYS A 370 46.61 -2.51 -46.97
CA LYS A 370 48.06 -2.65 -46.96
C LYS A 370 48.75 -1.43 -46.38
N SER A 371 48.19 -0.25 -46.57
CA SER A 371 48.83 0.96 -46.06
C SER A 371 48.67 1.05 -44.55
N GLU A 372 49.71 1.51 -43.89
CA GLU A 372 49.67 1.69 -42.45
C GLU A 372 48.84 2.90 -42.03
N GLU A 373 48.62 3.86 -42.92
CA GLU A 373 48.00 5.14 -42.58
C GLU A 373 46.74 5.35 -43.41
N VAL A 374 45.65 5.78 -42.73
CA VAL A 374 44.42 6.18 -43.38
C VAL A 374 43.97 7.51 -42.77
N TYR A 375 42.96 8.11 -43.39
CA TYR A 375 42.47 9.41 -42.95
C TYR A 375 40.96 9.38 -42.75
N ALA A 376 40.48 10.33 -41.95
CA ALA A 376 39.05 10.47 -41.68
C ALA A 376 38.81 11.89 -41.17
N GLY A 377 37.53 12.23 -41.01
CA GLY A 377 37.15 13.59 -40.73
C GLY A 377 36.95 13.96 -39.27
N HIS A 378 37.26 13.05 -38.33
CA HIS A 378 37.03 13.25 -36.91
C HIS A 378 38.14 12.54 -36.14
N PRO A 379 38.52 13.06 -34.98
CA PRO A 379 39.61 12.42 -34.22
C PRO A 379 39.24 11.13 -33.51
N VAL A 380 37.96 10.86 -33.25
CA VAL A 380 37.52 9.65 -32.56
C VAL A 380 36.46 8.98 -33.41
N LEU A 381 36.79 7.86 -34.04
CA LEU A 381 35.87 7.18 -34.93
C LEU A 381 35.26 5.99 -34.20
N LEU A 382 33.98 6.06 -33.93
CA LEU A 382 33.25 4.94 -33.34
C LEU A 382 32.76 4.01 -34.44
N ASN A 383 32.41 2.79 -34.04
CA ASN A 383 31.81 1.85 -34.98
C ASN A 383 30.38 2.28 -35.26
N MET A 384 30.03 2.38 -36.54
CA MET A 384 28.70 2.83 -36.94
C MET A 384 28.17 1.96 -38.06
N GLY A 385 26.85 1.87 -38.10
CA GLY A 385 26.09 1.24 -39.16
C GLY A 385 24.70 1.82 -39.15
N SER A 386 23.82 1.22 -39.95
CA SER A 386 22.46 1.72 -40.00
C SER A 386 21.53 0.63 -40.52
N ALA A 387 20.27 0.66 -40.06
CA ALA A 387 19.25 -0.31 -40.44
C ALA A 387 18.11 0.41 -41.14
N LEU A 388 17.63 -0.16 -42.25
CA LEU A 388 16.55 0.43 -43.02
C LEU A 388 15.20 -0.14 -42.59
N VAL A 389 14.27 0.73 -42.24
CA VAL A 389 12.94 0.34 -41.78
C VAL A 389 11.96 0.66 -42.90
N LYS A 390 11.31 -0.37 -43.44
CA LYS A 390 10.35 -0.16 -44.52
C LYS A 390 9.14 0.63 -44.00
N ASP A 391 8.68 1.56 -44.83
CA ASP A 391 7.62 2.50 -44.47
C ASP A 391 6.67 2.73 -45.66
N GLY A 392 6.00 1.66 -46.07
CA GLY A 392 5.01 1.71 -47.12
C GLY A 392 5.47 2.32 -48.42
N VAL A 393 4.75 3.35 -48.87
CA VAL A 393 5.04 3.98 -50.15
C VAL A 393 6.08 5.09 -50.03
N ASN A 394 6.60 5.34 -48.83
CA ASN A 394 7.61 6.35 -48.61
C ASN A 394 9.00 5.72 -48.66
N LEU A 395 10.03 6.55 -48.60
CA LEU A 395 11.38 6.03 -48.52
C LEU A 395 11.59 5.34 -47.18
N PRO A 396 12.42 4.29 -47.14
CA PRO A 396 12.65 3.61 -45.87
C PRO A 396 13.37 4.52 -44.89
N MET A 397 13.03 4.35 -43.61
CA MET A 397 13.71 5.10 -42.56
C MET A 397 15.08 4.50 -42.29
N GLU A 398 16.03 5.36 -41.94
CA GLU A 398 17.40 4.92 -41.64
C GLU A 398 17.69 5.14 -40.16
N ASN A 399 17.88 4.02 -39.44
CA ASN A 399 18.17 4.04 -38.01
C ASN A 399 19.65 3.75 -37.80
N VAL A 400 20.41 4.79 -37.43
CA VAL A 400 21.84 4.64 -37.24
C VAL A 400 22.15 3.90 -35.95
N ALA A 401 23.23 3.11 -35.96
CA ALA A 401 23.68 2.36 -34.80
C ALA A 401 25.11 2.75 -34.48
N PHE A 402 25.40 2.86 -33.18
CA PHE A 402 26.72 3.21 -32.68
C PHE A 402 27.22 2.10 -31.76
N ASN A 403 28.52 1.78 -31.84
CA ASN A 403 29.12 0.81 -30.94
C ASN A 403 30.54 1.22 -30.61
N THR A 404 31.00 0.74 -29.45
CA THR A 404 32.34 0.99 -28.96
C THR A 404 33.23 -0.23 -29.08
N ASP A 405 32.82 -1.25 -29.85
CA ASP A 405 33.61 -2.46 -29.97
C ASP A 405 34.84 -2.26 -30.83
N ILE A 406 34.82 -1.24 -31.70
CA ILE A 406 35.99 -0.72 -32.39
C ILE A 406 35.93 0.80 -32.29
N ILE A 407 37.02 1.41 -31.82
CA ILE A 407 37.15 2.88 -31.75
C ILE A 407 38.53 3.26 -32.28
N ASN A 408 38.56 4.02 -33.38
CA ASN A 408 39.81 4.44 -34.00
C ASN A 408 40.17 5.83 -33.46
N PHE A 409 41.34 5.94 -32.85
CA PHE A 409 41.82 7.20 -32.31
C PHE A 409 42.94 7.73 -33.20
N THR A 410 42.93 9.03 -33.44
CA THR A 410 44.06 9.70 -34.07
C THR A 410 45.16 9.92 -33.03
N GLY A 411 46.28 10.52 -33.44
CA GLY A 411 47.35 10.81 -32.51
C GLY A 411 46.95 11.90 -31.53
N GLU A 412 47.74 12.03 -30.47
CA GLU A 412 47.47 13.06 -29.46
C GLU A 412 47.36 14.44 -30.11
N CYS A 413 46.28 15.15 -29.79
CA CYS A 413 46.07 16.50 -30.27
C CYS A 413 44.90 17.12 -29.49
N LYS A 414 44.68 18.42 -29.73
CA LYS A 414 43.67 19.14 -28.94
C LYS A 414 42.27 18.60 -29.20
N ASP A 415 41.95 18.30 -30.46
CA ASP A 415 40.61 17.85 -30.83
C ASP A 415 40.33 16.46 -30.29
N ARG A 416 41.29 15.55 -30.38
CA ARG A 416 41.11 14.24 -29.76
C ARG A 416 40.90 14.37 -28.27
N SER A 417 41.60 15.31 -27.63
CA SER A 417 41.42 15.51 -26.20
C SER A 417 40.05 16.09 -25.88
N ILE A 418 39.51 16.94 -26.75
CA ILE A 418 38.18 17.49 -26.56
C ILE A 418 37.14 16.36 -26.59
N ALA A 419 37.18 15.55 -27.66
CA ALA A 419 36.17 14.50 -27.83
C ALA A 419 36.27 13.45 -26.72
N ILE A 420 37.49 13.09 -26.31
CA ILE A 420 37.65 12.09 -25.26
C ILE A 420 37.05 12.61 -23.96
N LYS A 421 37.38 13.84 -23.59
CA LYS A 421 36.86 14.41 -22.35
C LYS A 421 35.33 14.47 -22.38
N ARG A 422 34.77 14.79 -23.55
CA ARG A 422 33.31 14.82 -23.67
C ARG A 422 32.71 13.47 -23.33
N ILE A 423 33.32 12.38 -23.81
CA ILE A 423 32.85 11.05 -23.48
C ILE A 423 33.11 10.75 -22.00
N ALA A 424 34.33 11.02 -21.53
CA ALA A 424 34.69 10.69 -20.16
C ALA A 424 33.77 11.38 -19.16
N GLN A 425 33.47 12.67 -19.38
CA GLN A 425 32.59 13.40 -18.48
C GLN A 425 31.21 12.78 -18.44
N SER A 426 30.77 12.26 -19.55
CA SER A 426 29.50 11.64 -19.63
C SER A 426 29.45 10.42 -18.77
N LEU A 427 30.38 9.51 -18.95
CA LEU A 427 30.41 8.25 -18.21
C LEU A 427 30.59 8.49 -16.72
N ILE A 428 31.49 9.41 -16.34
CA ILE A 428 31.66 9.78 -14.94
C ILE A 428 30.37 10.36 -14.39
N GLY A 429 29.65 11.14 -15.20
CA GLY A 429 28.41 11.73 -14.75
C GLY A 429 27.33 10.69 -14.52
N ASN A 430 27.34 9.62 -15.30
CA ASN A 430 26.38 8.54 -15.10
C ASN A 430 26.62 7.81 -13.79
N TYR A 431 27.89 7.66 -13.39
CA TYR A 431 28.21 6.94 -12.17
C TYR A 431 27.95 7.76 -10.91
N LEU A 432 28.04 9.08 -11.00
CA LEU A 432 27.77 9.93 -9.85
C LEU A 432 26.28 10.21 -9.66
N HIS A 433 25.43 9.84 -10.62
CA HIS A 433 24.00 10.14 -10.58
C HIS A 433 23.21 8.91 -11.02
N VAL A 434 23.44 7.77 -10.37
CA VAL A 434 22.83 6.52 -10.80
C VAL A 434 21.31 6.62 -10.78
N THR A 435 20.73 7.00 -9.65
CA THR A 435 19.27 7.01 -9.56
C THR A 435 18.66 8.08 -10.45
N GLU A 436 19.40 9.17 -10.69
CA GLU A 436 18.87 10.21 -11.54
C GLU A 436 18.85 9.76 -13.00
N ARG A 437 19.80 8.92 -13.40
CA ARG A 437 19.84 8.41 -14.77
C ARG A 437 18.79 7.35 -15.01
N ILE A 438 18.59 6.45 -14.04
CA ILE A 438 17.52 5.46 -14.14
C ILE A 438 16.17 6.15 -14.27
N SER A 439 15.98 7.23 -13.51
CA SER A 439 14.70 7.95 -13.55
C SER A 439 14.44 8.55 -14.92
N LYS A 440 15.46 9.14 -15.54
CA LYS A 440 15.28 9.77 -16.84
C LYS A 440 15.46 8.81 -18.01
N SER A 441 15.77 7.55 -17.74
CA SER A 441 16.18 6.65 -18.81
C SER A 441 15.06 6.37 -19.79
N GLY A 442 15.41 6.37 -21.08
CA GLY A 442 14.50 5.89 -22.09
C GLY A 442 14.48 4.39 -22.27
N ASN A 443 15.28 3.68 -21.51
CA ASN A 443 15.34 2.23 -21.64
C ASN A 443 14.10 1.60 -21.00
N PRO A 444 13.41 0.69 -21.70
CA PRO A 444 12.21 0.09 -21.12
C PRO A 444 12.48 -0.68 -19.85
N GLU A 445 13.57 -1.44 -19.79
CA GLU A 445 13.81 -2.22 -18.59
C GLU A 445 14.13 -1.32 -17.40
N LEU A 446 14.79 -0.19 -17.62
CA LEU A 446 15.08 0.71 -16.53
C LEU A 446 13.85 1.51 -16.09
N LYS A 447 12.94 1.79 -17.02
CA LYS A 447 11.70 2.45 -16.64
C LYS A 447 10.84 1.55 -15.76
N ARG A 448 10.80 0.26 -16.09
CA ARG A 448 10.12 -0.71 -15.24
C ARG A 448 10.80 -0.82 -13.87
N LEU A 449 12.13 -0.71 -13.83
CA LEU A 449 12.85 -0.80 -12.56
C LEU A 449 12.43 0.30 -11.62
N GLY A 450 12.15 1.49 -12.15
CA GLY A 450 11.72 2.60 -11.33
C GLY A 450 10.37 2.42 -10.68
N LEU A 451 9.56 1.45 -11.14
CA LEU A 451 8.25 1.21 -10.59
C LEU A 451 8.21 0.00 -9.65
N MET A 452 9.32 -0.65 -9.43
CA MET A 452 9.30 -1.82 -8.58
C MET A 452 9.41 -1.43 -7.11
N PRO A 453 8.59 -2.03 -6.24
CA PRO A 453 8.68 -1.69 -4.80
C PRO A 453 10.03 -2.05 -4.20
N GLY A 454 10.60 -3.17 -4.60
CA GLY A 454 11.93 -3.52 -4.13
C GLY A 454 12.95 -2.46 -4.46
N TYR A 455 12.77 -1.78 -5.59
CA TYR A 455 13.67 -0.68 -5.94
C TYR A 455 13.44 0.53 -5.03
N HIS A 456 12.17 0.85 -4.77
CA HIS A 456 11.84 1.92 -3.84
C HIS A 456 12.38 1.62 -2.46
N GLN A 457 12.21 0.38 -2.01
CA GLN A 457 12.75 0.01 -0.70
C GLN A 457 14.26 0.17 -0.67
N LEU A 458 14.94 -0.23 -1.75
CA LEU A 458 16.39 -0.07 -1.80
C LEU A 458 16.81 1.38 -1.66
N LEU A 459 16.14 2.28 -2.37
CA LEU A 459 16.46 3.70 -2.27
C LEU A 459 16.28 4.20 -0.84
N LYS A 460 15.20 3.78 -0.18
CA LYS A 460 14.94 4.23 1.19
C LYS A 460 16.03 3.77 2.13
N ASP A 461 16.43 2.49 2.04
CA ASP A 461 17.57 2.00 2.82
C ASP A 461 18.80 2.86 2.60
N CYS A 462 19.09 3.22 1.35
CA CYS A 462 20.29 3.98 1.06
C CYS A 462 20.24 5.37 1.69
N GLU A 463 19.08 6.03 1.62
CA GLU A 463 18.95 7.35 2.22
C GLU A 463 18.81 7.29 3.73
N GLU A 464 18.13 6.27 4.23
CA GLU A 464 18.02 6.13 5.67
C GLU A 464 19.39 5.90 6.24
N ASN A 465 20.22 5.19 5.51
CA ASN A 465 21.55 4.95 5.95
C ASN A 465 22.54 5.85 5.28
N ASN A 466 22.07 6.97 4.75
CA ASN A 466 22.86 7.96 4.03
C ASN A 466 24.03 7.43 3.18
N ASN A 467 23.68 6.49 2.30
CA ASN A 467 24.59 5.86 1.35
C ASN A 467 24.01 6.15 0.01
N LYS A 468 24.81 6.59 -0.92
CA LYS A 468 24.32 6.83 -2.26
C LYS A 468 24.30 5.49 -2.95
N LEU A 469 23.27 5.24 -3.73
CA LEU A 469 23.19 3.99 -4.44
C LEU A 469 24.26 3.86 -5.51
N SER A 470 25.14 2.89 -5.37
CA SER A 470 26.16 2.63 -6.36
C SER A 470 25.65 1.61 -7.37
N LEU A 471 26.27 1.58 -8.52
CA LEU A 471 25.87 0.70 -9.56
C LEU A 471 26.09 -0.73 -9.18
N PRO A 472 27.14 -1.02 -8.49
CA PRO A 472 27.39 -2.38 -8.07
C PRO A 472 26.39 -2.79 -7.03
N MET A 473 25.98 -1.86 -6.19
CA MET A 473 25.01 -2.11 -5.17
C MET A 473 23.69 -2.53 -5.77
N LEU A 474 23.30 -1.87 -6.82
CA LEU A 474 22.10 -2.16 -7.50
C LEU A 474 22.19 -3.48 -8.20
N ARG A 475 23.30 -3.75 -8.86
CA ARG A 475 23.47 -5.00 -9.54
C ARG A 475 23.46 -6.11 -8.53
N LYS A 476 24.14 -5.94 -7.42
CA LYS A 476 24.14 -6.93 -6.38
C LYS A 476 22.74 -7.19 -5.85
N ALA A 477 22.00 -6.14 -5.59
CA ALA A 477 20.67 -6.27 -5.09
C ALA A 477 19.74 -7.00 -6.06
N LEU A 478 19.82 -6.70 -7.34
CA LEU A 478 18.99 -7.37 -8.30
C LEU A 478 19.33 -8.84 -8.35
N THR A 479 20.59 -9.19 -8.31
CA THR A 479 21.01 -10.56 -8.39
C THR A 479 20.44 -11.35 -7.23
N GLN A 480 20.49 -10.81 -6.04
CA GLN A 480 19.97 -11.51 -4.89
C GLN A 480 18.48 -11.66 -4.97
N ALA A 481 17.84 -10.63 -5.46
CA ALA A 481 16.43 -10.63 -5.60
C ALA A 481 15.94 -11.66 -6.58
N HIS A 482 16.68 -11.93 -7.64
CA HIS A 482 16.27 -12.90 -8.60
C HIS A 482 16.74 -14.29 -8.23
N SER A 483 17.28 -14.51 -7.04
CA SER A 483 17.78 -15.81 -6.65
C SER A 483 16.68 -16.74 -6.12
N ASN A 484 15.47 -16.24 -5.89
CA ASN A 484 14.33 -17.07 -5.50
C ASN A 484 13.03 -16.41 -5.98
N LEU A 485 11.98 -17.22 -6.15
CA LEU A 485 10.75 -16.66 -6.69
C LEU A 485 10.13 -15.66 -5.74
N SER A 486 10.28 -15.85 -4.43
CA SER A 486 9.58 -15.00 -3.47
C SER A 486 10.18 -13.59 -3.40
N SER A 487 11.50 -13.51 -3.16
CA SER A 487 12.15 -12.20 -3.21
C SER A 487 11.91 -11.53 -4.56
N TYR A 488 11.92 -12.32 -5.64
CA TYR A 488 11.65 -11.77 -6.96
C TYR A 488 10.29 -11.09 -7.03
N VAL A 489 9.23 -11.82 -6.62
CA VAL A 489 7.89 -11.26 -6.65
C VAL A 489 7.79 -10.07 -5.71
N ARG A 490 8.37 -10.19 -4.51
CA ARG A 490 8.39 -9.07 -3.59
C ARG A 490 9.12 -7.87 -4.19
N PHE A 491 10.22 -8.09 -4.90
CA PHE A 491 10.96 -6.96 -5.45
C PHE A 491 10.16 -6.24 -6.53
N ILE A 492 9.65 -6.98 -7.49
CA ILE A 492 8.94 -6.38 -8.58
C ILE A 492 7.51 -5.96 -8.32
N GLY A 493 6.90 -6.46 -7.28
CA GLY A 493 5.54 -6.14 -6.95
C GLY A 493 4.59 -7.15 -7.52
N VAL A 494 3.46 -7.37 -6.86
CA VAL A 494 2.52 -8.36 -7.36
C VAL A 494 1.83 -7.89 -8.59
N GLN A 495 1.66 -6.60 -8.71
CA GLN A 495 1.01 -6.10 -9.88
C GLN A 495 1.77 -6.42 -11.08
N ARG A 496 3.05 -6.12 -11.03
CA ARG A 496 3.90 -6.42 -12.16
C ARG A 496 3.99 -7.90 -12.40
N PHE A 497 4.07 -8.66 -11.34
CA PHE A 497 4.11 -10.08 -11.47
C PHE A 497 2.86 -10.63 -12.08
N ALA A 498 1.72 -10.16 -11.63
CA ALA A 498 0.46 -10.63 -12.14
C ALA A 498 0.23 -10.37 -13.59
N GLU A 499 0.67 -9.22 -14.07
CA GLU A 499 0.49 -8.88 -15.46
C GLU A 499 1.42 -9.68 -16.33
N MET A 500 2.56 -10.06 -15.80
CA MET A 500 3.52 -10.81 -16.55
C MET A 500 3.06 -12.22 -16.78
N VAL A 501 2.47 -12.83 -15.78
CA VAL A 501 2.02 -14.19 -15.89
C VAL A 501 0.56 -14.31 -16.32
N GLY A 502 0.00 -13.28 -16.91
CA GLY A 502 -1.34 -13.33 -17.41
C GLY A 502 -2.47 -13.35 -16.42
N ALA A 503 -2.20 -12.94 -15.22
CA ALA A 503 -3.29 -12.95 -14.25
C ALA A 503 -3.33 -11.63 -13.49
N PRO A 504 -3.58 -10.53 -14.19
CA PRO A 504 -3.64 -9.22 -13.50
C PRO A 504 -4.69 -9.19 -12.40
N GLU A 505 -5.79 -9.93 -12.57
CA GLU A 505 -6.84 -9.93 -11.56
C GLU A 505 -6.40 -10.61 -10.27
N ASP A 506 -5.33 -11.40 -10.30
CA ASP A 506 -4.90 -12.14 -9.12
C ASP A 506 -3.82 -11.44 -8.32
N ALA A 507 -3.46 -10.20 -8.69
CA ALA A 507 -2.49 -9.44 -7.89
C ALA A 507 -2.88 -9.37 -6.41
N PRO A 508 -4.14 -9.10 -6.04
CA PRO A 508 -4.46 -9.18 -4.59
C PRO A 508 -4.24 -10.57 -4.03
N LEU A 509 -4.54 -11.61 -4.81
CA LEU A 509 -4.33 -12.97 -4.34
C LEU A 509 -2.86 -13.25 -4.07
N PHE A 510 -1.99 -12.86 -5.02
CA PHE A 510 -0.57 -13.10 -4.82
C PHE A 510 -0.07 -12.34 -3.59
N GLN A 511 -0.62 -11.14 -3.35
CA GLN A 511 -0.19 -10.39 -2.17
C GLN A 511 -0.46 -11.17 -0.89
N GLU A 512 -1.65 -11.76 -0.78
CA GLU A 512 -1.99 -12.53 0.42
C GLU A 512 -1.09 -13.75 0.55
N ALA A 513 -0.98 -14.54 -0.52
CA ALA A 513 -0.07 -15.68 -0.50
C ALA A 513 1.35 -15.25 -0.14
N LEU A 514 1.82 -14.15 -0.73
CA LEU A 514 3.09 -13.57 -0.32
C LEU A 514 3.08 -13.26 1.17
N GLN A 515 2.03 -12.61 1.62
CA GLN A 515 1.91 -12.23 3.00
C GLN A 515 2.00 -13.40 3.93
N GLN A 516 1.21 -14.43 3.65
CA GLN A 516 1.17 -15.61 4.51
C GLN A 516 2.13 -16.72 4.09
N GLY A 517 2.98 -16.49 3.09
CA GLY A 517 4.01 -17.45 2.76
C GLY A 517 3.59 -18.70 2.02
N ASN A 518 2.58 -18.61 1.15
CA ASN A 518 2.05 -19.77 0.42
C ASN A 518 2.70 -19.77 -0.96
N THR A 519 3.88 -20.35 -1.05
CA THR A 519 4.74 -20.19 -2.22
C THR A 519 4.26 -20.97 -3.43
N ILE A 520 3.50 -22.06 -3.24
CA ILE A 520 3.14 -22.91 -4.37
C ILE A 520 2.29 -22.17 -5.40
N VAL A 521 1.50 -21.18 -4.96
CA VAL A 521 0.67 -20.44 -5.90
C VAL A 521 1.52 -19.55 -6.80
N LEU A 522 2.56 -18.91 -6.25
CA LEU A 522 3.49 -18.15 -7.09
C LEU A 522 4.20 -19.06 -8.08
N THR A 523 4.76 -20.18 -7.58
CA THR A 523 5.33 -21.21 -8.44
C THR A 523 4.37 -21.58 -9.56
N ASN A 524 3.18 -22.05 -9.19
CA ASN A 524 2.25 -22.58 -10.18
C ASN A 524 1.76 -21.49 -11.11
N ALA A 525 1.53 -20.28 -10.59
CA ALA A 525 1.11 -19.18 -11.46
C ALA A 525 2.16 -18.88 -12.50
N LEU A 526 3.45 -18.91 -12.10
CA LEU A 526 4.52 -18.63 -13.07
C LEU A 526 4.71 -19.79 -14.05
N VAL A 527 4.75 -21.02 -13.53
CA VAL A 527 4.92 -22.17 -14.41
C VAL A 527 3.76 -22.29 -15.38
N ALA A 528 2.54 -21.98 -14.92
CA ALA A 528 1.38 -22.08 -15.80
C ALA A 528 1.49 -21.14 -16.99
N TYR A 529 2.05 -19.95 -16.78
CA TYR A 529 2.26 -19.05 -17.90
C TYR A 529 3.36 -19.57 -18.81
N LEU A 530 4.34 -20.29 -18.26
CA LEU A 530 5.42 -20.80 -19.08
C LEU A 530 4.98 -21.97 -19.95
N VAL A 531 4.37 -23.00 -19.33
CA VAL A 531 4.00 -24.21 -20.04
C VAL A 531 2.55 -24.19 -20.51
N HIS A 532 2.00 -23.00 -20.74
CA HIS A 532 0.70 -22.80 -21.37
C HIS A 532 -0.40 -23.64 -20.71
N GLY A 533 -0.75 -23.29 -19.48
CA GLY A 533 -1.88 -23.94 -18.82
C GLY A 533 -1.57 -24.65 -17.52
N MET A 534 -2.52 -24.60 -16.58
CA MET A 534 -2.37 -25.29 -15.30
C MET A 534 -2.36 -26.81 -15.43
N ASP A 535 -3.07 -27.37 -16.41
CA ASP A 535 -3.00 -28.81 -16.69
C ASP A 535 -1.58 -29.29 -16.93
N ASN A 536 -0.81 -28.55 -17.73
CA ASN A 536 0.55 -28.98 -18.06
C ASN A 536 1.49 -28.94 -16.87
N VAL A 537 1.28 -28.00 -15.93
CA VAL A 537 2.19 -27.91 -14.79
C VAL A 537 2.06 -29.15 -13.91
N SER A 538 0.89 -29.79 -13.90
CA SER A 538 0.68 -30.94 -13.03
C SER A 538 1.43 -32.17 -13.51
N ARG A 539 1.85 -32.20 -14.78
CA ARG A 539 2.60 -33.32 -15.34
C ARG A 539 4.07 -33.26 -14.98
N LEU A 540 4.46 -32.36 -14.08
CA LEU A 540 5.86 -32.09 -13.79
C LEU A 540 6.14 -32.31 -12.30
N ASN A 541 7.37 -32.73 -12.02
CA ASN A 541 7.82 -33.01 -10.67
C ASN A 541 8.39 -31.73 -10.08
N SER A 542 8.92 -31.82 -8.86
CA SER A 542 9.54 -30.66 -8.23
C SER A 542 10.66 -30.09 -9.11
N SER A 543 11.55 -30.95 -9.60
CA SER A 543 12.82 -30.48 -10.15
C SER A 543 12.66 -29.79 -11.51
N GLU A 544 11.84 -30.34 -12.40
CA GLU A 544 11.74 -29.72 -13.72
C GLU A 544 10.98 -28.39 -13.64
N LYS A 545 10.08 -28.27 -12.66
CA LYS A 545 9.43 -26.99 -12.41
C LYS A 545 10.36 -26.01 -11.70
N GLU A 546 11.30 -26.54 -10.92
CA GLU A 546 12.26 -25.72 -10.20
C GLU A 546 13.34 -25.17 -11.13
N ASN A 547 13.65 -25.91 -12.19
CA ASN A 547 14.64 -25.43 -13.14
C ASN A 547 14.03 -24.57 -14.24
N LEU A 548 12.71 -24.67 -14.46
CA LEU A 548 12.08 -23.72 -15.37
C LEU A 548 11.96 -22.34 -14.72
N ILE A 549 11.84 -22.28 -13.39
CA ILE A 549 11.76 -21.02 -12.69
C ILE A 549 13.13 -20.36 -12.59
N LYS A 550 14.20 -21.15 -12.40
CA LYS A 550 15.55 -20.58 -12.35
C LYS A 550 15.94 -19.99 -13.69
N LYS A 551 15.68 -20.72 -14.78
CA LYS A 551 15.96 -20.18 -16.10
C LYS A 551 15.17 -18.90 -16.34
N TYR A 552 13.90 -18.89 -15.96
CA TYR A 552 13.08 -17.69 -16.17
C TYR A 552 13.60 -16.53 -15.33
N LEU A 553 13.93 -16.78 -14.07
CA LEU A 553 14.45 -15.71 -13.22
C LEU A 553 15.76 -15.18 -13.78
N GLY A 554 16.64 -16.08 -14.24
CA GLY A 554 17.89 -15.64 -14.85
C GLY A 554 17.67 -14.77 -16.05
N THR A 555 16.69 -15.11 -16.89
CA THR A 555 16.39 -14.28 -18.05
C THR A 555 15.93 -12.89 -17.62
N GLN A 556 15.10 -12.80 -16.57
CA GLN A 556 14.62 -11.50 -16.12
C GLN A 556 15.77 -10.68 -15.53
N LEU A 557 16.69 -11.34 -14.83
CA LEU A 557 17.84 -10.63 -14.27
C LEU A 557 18.72 -10.06 -15.38
N SER A 558 18.96 -10.85 -16.43
CA SER A 558 19.79 -10.38 -17.54
C SER A 558 19.17 -9.16 -18.22
N LEU A 559 17.84 -9.14 -18.29
CA LEU A 559 17.17 -8.01 -18.92
C LEU A 559 17.46 -6.70 -18.20
N LEU A 560 17.67 -6.76 -16.88
CA LEU A 560 18.05 -5.55 -16.14
C LEU A 560 19.56 -5.40 -16.02
N TYR A 561 20.29 -6.50 -15.94
CA TYR A 561 21.73 -6.43 -15.77
C TYR A 561 22.38 -5.77 -16.97
N LYS A 562 21.98 -6.19 -18.18
CA LYS A 562 22.58 -5.66 -19.40
C LYS A 562 22.52 -4.13 -19.49
N PRO A 563 21.37 -3.48 -19.29
CA PRO A 563 21.40 -2.00 -19.30
C PRO A 563 22.17 -1.41 -18.13
N LEU A 564 22.28 -2.13 -17.00
CA LEU A 564 23.02 -1.61 -15.85
C LEU A 564 24.52 -1.59 -16.08
N VAL A 565 24.97 -1.96 -17.28
CA VAL A 565 26.33 -1.75 -17.73
C VAL A 565 26.36 -0.85 -18.96
N MET A 566 25.56 -1.19 -19.98
CA MET A 566 25.63 -0.50 -21.26
C MET A 566 25.12 0.93 -21.20
N GLU A 567 24.15 1.22 -20.34
CA GLU A 567 23.57 2.56 -20.26
C GLU A 567 24.40 3.52 -19.42
N PHE A 568 25.37 3.04 -18.66
CA PHE A 568 26.16 3.92 -17.81
C PHE A 568 27.60 4.06 -18.26
N SER A 569 28.24 2.96 -18.63
CA SER A 569 29.60 2.99 -19.13
C SER A 569 29.70 2.54 -20.58
N GLY A 570 28.73 1.78 -21.08
CA GLY A 570 28.84 1.14 -22.37
C GLY A 570 28.36 1.95 -23.55
N PRO A 571 28.14 1.28 -24.69
CA PRO A 571 27.80 2.01 -25.91
C PRO A 571 26.48 2.78 -25.82
N CYS A 572 25.49 2.29 -25.07
CA CYS A 572 24.25 3.02 -24.95
C CYS A 572 24.46 4.35 -24.26
N ALA A 573 25.33 4.38 -23.25
CA ALA A 573 25.72 5.65 -22.64
C ALA A 573 26.46 6.53 -23.64
N VAL A 574 27.30 5.94 -24.49
CA VAL A 574 28.02 6.72 -25.49
C VAL A 574 27.05 7.24 -26.56
N THR A 575 26.10 6.40 -26.98
CA THR A 575 25.08 6.83 -27.94
C THR A 575 24.27 8.01 -27.41
N ARG A 576 23.95 7.99 -26.12
CA ARG A 576 23.19 9.08 -25.54
C ARG A 576 23.95 10.40 -25.66
N GLU A 577 25.28 10.35 -25.62
CA GLU A 577 26.06 11.56 -25.79
C GLU A 577 26.12 12.05 -27.23
N ILE A 578 25.70 11.23 -28.18
CA ILE A 578 25.87 11.54 -29.60
C ILE A 578 24.58 12.05 -30.25
N LEU A 579 23.46 11.56 -29.77
CA LEU A 579 22.16 11.91 -30.27
C LEU A 579 21.90 13.34 -30.57
N PRO A 580 22.35 14.22 -29.73
CA PRO A 580 22.12 15.66 -29.94
C PRO A 580 22.47 16.10 -31.35
N LEU A 581 23.45 15.41 -31.99
CA LEU A 581 23.84 15.69 -33.36
C LEU A 581 22.75 15.35 -34.38
N LEU A 582 21.81 14.49 -34.04
CA LEU A 582 20.86 14.09 -35.08
C LEU A 582 19.58 14.93 -35.03
N PRO A 583 19.10 15.31 -36.19
CA PRO A 583 17.97 16.22 -36.32
C PRO A 583 16.72 16.09 -35.48
N THR A 584 16.42 15.00 -34.81
CA THR A 584 15.21 14.97 -33.98
C THR A 584 13.92 15.71 -34.40
N GLY A 585 13.72 15.99 -35.67
CA GLY A 585 12.49 16.70 -35.98
C GLY A 585 11.49 16.17 -36.97
N GLU A 586 12.00 15.51 -38.09
CA GLU A 586 11.56 14.48 -39.04
C GLU A 586 12.51 13.28 -38.96
N PRO A 587 11.99 12.07 -39.17
CA PRO A 587 12.88 10.90 -39.31
C PRO A 587 13.89 11.03 -40.43
N THR A 588 15.05 10.38 -40.25
CA THR A 588 16.07 10.29 -41.29
C THR A 588 15.73 9.15 -42.25
N ARG A 589 15.63 9.47 -43.53
CA ARG A 589 15.36 8.50 -44.58
C ARG A 589 16.59 8.29 -45.45
N TYR A 590 16.73 7.10 -46.01
CA TYR A 590 17.85 6.83 -46.91
C TYR A 590 17.54 7.37 -48.30
N ILE A 591 18.31 8.36 -48.75
CA ILE A 591 18.25 8.88 -50.11
C ILE A 591 19.50 8.43 -50.83
N GLU A 592 19.32 7.69 -51.93
CA GLU A 592 20.42 6.94 -52.51
C GLU A 592 21.34 7.77 -53.39
N ASN A 593 20.84 8.79 -54.07
CA ASN A 593 21.66 9.47 -55.07
C ASN A 593 21.51 10.99 -54.99
N LEU A 594 21.68 11.55 -53.79
CA LEU A 594 21.79 12.99 -53.68
C LEU A 594 23.03 13.48 -54.41
N LYS A 595 22.86 14.56 -55.19
CA LYS A 595 24.02 15.19 -55.82
C LYS A 595 25.02 15.60 -54.75
N GLN A 596 24.52 16.11 -53.63
CA GLN A 596 25.34 16.48 -52.50
C GLN A 596 24.97 15.58 -51.33
N PRO A 597 25.57 14.38 -51.22
CA PRO A 597 25.23 13.51 -50.08
C PRO A 597 25.57 14.11 -48.73
N ASP A 598 26.51 15.05 -48.66
CA ASP A 598 26.90 15.73 -47.43
C ASP A 598 25.84 16.72 -46.93
N ALA A 599 24.64 16.71 -47.49
CA ALA A 599 23.53 17.45 -46.90
C ALA A 599 22.84 16.68 -45.79
N GLN A 600 23.08 15.37 -45.69
CA GLN A 600 22.46 14.49 -44.71
C GLN A 600 23.49 14.04 -43.69
N ILE A 601 23.15 14.16 -42.40
CA ILE A 601 24.13 13.91 -41.33
C ILE A 601 24.60 12.46 -41.33
N LEU A 602 23.72 11.52 -41.67
CA LEU A 602 24.13 10.11 -41.63
C LEU A 602 25.17 9.81 -42.71
N ARG A 603 25.06 10.46 -43.87
CA ARG A 603 26.08 10.27 -44.90
C ARG A 603 27.41 10.93 -44.50
N VAL A 604 27.35 12.05 -43.77
CA VAL A 604 28.56 12.67 -43.24
C VAL A 604 29.22 11.76 -42.21
N LEU A 605 28.41 11.18 -41.30
CA LEU A 605 28.94 10.21 -40.35
C LEU A 605 29.52 9.00 -41.07
N GLN A 606 28.79 8.47 -42.05
CA GLN A 606 29.23 7.24 -42.71
C GLN A 606 30.56 7.42 -43.42
N THR A 607 30.75 8.57 -44.07
CA THR A 607 31.95 8.79 -44.86
C THR A 607 33.12 9.33 -44.04
N HIS A 608 32.84 10.11 -42.99
CA HIS A 608 33.88 10.91 -42.37
C HIS A 608 34.12 10.65 -40.88
N ALA A 609 33.21 9.97 -40.17
CA ALA A 609 33.35 9.93 -38.72
C ALA A 609 33.20 8.55 -38.11
N CYS A 610 33.38 7.48 -38.90
CA CYS A 610 33.23 6.12 -38.39
C CYS A 610 34.38 5.25 -38.89
N VAL A 611 34.48 4.05 -38.34
CA VAL A 611 35.63 3.19 -38.63
C VAL A 611 35.48 2.42 -39.93
N ALA A 612 34.32 2.49 -40.58
CA ALA A 612 34.08 1.70 -41.78
C ALA A 612 35.08 2.07 -42.87
N GLY A 613 35.78 1.05 -43.39
CA GLY A 613 36.80 1.29 -44.39
C GLY A 613 38.11 1.83 -43.86
N LYS A 614 38.27 1.93 -42.54
CA LYS A 614 39.49 2.47 -41.94
C LYS A 614 40.27 1.47 -41.11
N THR A 615 39.80 0.23 -40.97
CA THR A 615 40.52 -0.76 -40.19
C THR A 615 40.40 -2.12 -40.84
N ASN A 616 41.26 -3.04 -40.41
CA ASN A 616 41.17 -4.43 -40.81
C ASN A 616 40.28 -5.25 -39.88
N PHE A 617 39.83 -4.68 -38.77
CA PHE A 617 39.02 -5.41 -37.81
C PHE A 617 37.57 -5.53 -38.28
N THR A 618 36.98 -6.72 -38.09
CA THR A 618 35.64 -7.03 -38.60
C THR A 618 34.71 -7.36 -37.46
N SER A 619 33.65 -6.56 -37.32
CA SER A 619 32.70 -6.72 -36.23
C SER A 619 31.33 -7.07 -36.80
N ASP A 620 30.64 -7.98 -36.13
CA ASP A 620 29.25 -8.30 -36.44
C ASP A 620 28.31 -7.85 -35.33
N ASN A 621 28.77 -7.00 -34.41
CA ASN A 621 27.95 -6.63 -33.27
C ASN A 621 26.86 -5.63 -33.64
N ILE A 622 27.12 -4.82 -34.66
CA ILE A 622 26.10 -3.93 -35.23
C ILE A 622 26.08 -4.13 -36.73
N PRO A 623 24.99 -3.75 -37.39
CA PRO A 623 24.93 -3.89 -38.85
C PRO A 623 25.91 -2.97 -39.53
N ASN A 624 26.28 -3.35 -40.74
CA ASN A 624 26.97 -2.43 -41.60
C ASN A 624 26.00 -1.30 -41.99
N TRP A 625 26.56 -0.27 -42.62
CA TRP A 625 25.74 0.85 -43.06
C TRP A 625 24.67 0.38 -44.04
N ILE A 626 23.49 1.01 -43.94
CA ILE A 626 22.28 0.81 -44.74
C ILE A 626 21.93 -0.65 -44.97
N THR A 627 21.89 -1.42 -43.87
CA THR A 627 21.51 -2.82 -43.91
C THR A 627 20.00 -2.96 -43.82
N SER A 628 19.43 -3.80 -44.68
CA SER A 628 17.99 -4.03 -44.65
C SER A 628 17.57 -4.68 -43.34
N SER A 629 16.38 -4.31 -42.85
CA SER A 629 15.89 -4.84 -41.58
C SER A 629 15.84 -6.37 -41.59
N GLU A 630 15.65 -6.97 -42.75
CA GLU A 630 15.64 -8.43 -42.86
C GLU A 630 17.04 -8.99 -42.67
N GLU A 631 18.06 -8.36 -43.26
CA GLU A 631 19.41 -8.86 -43.09
C GLU A 631 19.87 -8.71 -41.65
N VAL A 632 19.18 -7.89 -40.85
CA VAL A 632 19.41 -7.83 -39.41
C VAL A 632 18.64 -8.98 -38.75
N GLU A 633 18.29 -10.02 -39.52
CA GLU A 633 17.93 -11.28 -38.88
C GLU A 633 19.13 -11.95 -38.25
N ARG A 634 20.34 -11.49 -38.57
CA ARG A 634 21.57 -12.08 -38.03
C ARG A 634 21.53 -12.31 -36.54
N THR A 635 20.65 -11.59 -35.90
CA THR A 635 20.56 -11.75 -34.48
C THR A 635 20.05 -13.10 -34.08
N GLN A 636 19.61 -13.91 -35.03
CA GLN A 636 19.05 -15.17 -34.67
C GLN A 636 20.00 -16.20 -34.22
N SER A 637 21.16 -16.30 -34.86
CA SER A 637 22.13 -17.30 -34.41
C SER A 637 23.47 -16.67 -34.08
N GLY A 642 25.30 -14.90 -24.84
CA GLY A 642 25.39 -14.38 -23.49
C GLY A 642 26.72 -13.67 -23.57
N LEU A 643 26.80 -12.40 -23.27
CA LEU A 643 28.16 -11.92 -23.48
C LEU A 643 29.08 -12.32 -22.34
N SER A 644 30.38 -12.36 -22.64
CA SER A 644 31.40 -12.84 -21.70
C SER A 644 31.25 -12.23 -20.29
N TRP A 645 30.65 -11.05 -20.19
CA TRP A 645 30.56 -10.29 -18.94
C TRP A 645 29.20 -10.32 -18.27
N MET A 646 28.25 -11.04 -18.78
CA MET A 646 26.96 -11.03 -18.13
C MET A 646 27.00 -11.99 -16.95
N PRO A 647 25.89 -12.17 -16.21
CA PRO A 647 25.94 -13.10 -15.06
C PRO A 647 26.30 -14.56 -15.35
N SER A 648 25.71 -15.15 -16.36
CA SER A 648 25.93 -16.55 -16.66
C SER A 648 27.34 -16.91 -16.95
N GLU A 649 27.89 -16.19 -17.89
CA GLU A 649 29.23 -16.42 -18.38
C GLU A 649 30.27 -16.06 -17.34
N GLN A 650 30.01 -15.00 -16.60
CA GLN A 650 30.92 -14.72 -15.48
C GLN A 650 30.79 -15.78 -14.40
N ALA A 651 29.71 -16.56 -14.36
CA ALA A 651 29.62 -17.60 -13.35
C ALA A 651 30.21 -18.87 -13.90
N ARG A 652 30.95 -18.72 -14.97
CA ARG A 652 31.44 -19.84 -15.73
C ARG A 652 33.01 -19.65 -15.72
N LEU A 653 33.40 -18.44 -16.10
CA LEU A 653 34.80 -18.18 -16.44
C LEU A 653 35.80 -18.47 -15.28
N SER A 654 35.29 -18.90 -14.12
CA SER A 654 36.11 -19.42 -13.03
C SER A 654 35.59 -20.79 -12.60
N LYS A 655 34.30 -20.86 -12.24
CA LYS A 655 33.65 -22.12 -11.90
C LYS A 655 33.10 -22.81 -13.15
N SER B 21 -23.15 -8.55 37.24
CA SER B 21 -24.35 -8.05 37.89
C SER B 21 -25.59 -8.82 37.46
N GLU B 22 -25.77 -8.95 36.16
CA GLU B 22 -26.85 -9.67 35.54
C GLU B 22 -26.99 -11.03 36.18
N GLN B 23 -25.92 -11.77 36.13
CA GLN B 23 -25.84 -13.12 36.68
C GLN B 23 -25.86 -13.15 38.17
N TYR B 24 -25.44 -12.07 38.78
CA TYR B 24 -25.39 -11.97 40.18
C TYR B 24 -26.74 -11.64 40.78
N TRP B 25 -27.53 -10.91 40.04
CA TRP B 25 -28.84 -10.53 40.48
C TRP B 25 -29.65 -11.76 40.78
N ARG B 26 -29.62 -12.70 39.86
CA ARG B 26 -30.37 -13.91 39.99
C ARG B 26 -29.79 -14.83 41.02
N PHE B 27 -28.51 -14.74 41.20
CA PHE B 27 -27.85 -15.57 42.16
C PHE B 27 -28.36 -15.12 43.50
N LYS B 28 -28.40 -13.84 43.74
CA LYS B 28 -28.89 -13.32 44.99
C LYS B 28 -30.32 -13.76 45.19
N LEU B 29 -31.15 -13.59 44.17
CA LEU B 29 -32.54 -14.01 44.21
C LEU B 29 -32.71 -15.50 44.39
N MET B 30 -31.80 -16.31 43.91
CA MET B 30 -31.90 -17.72 44.08
C MET B 30 -31.34 -18.17 45.38
N THR B 31 -30.50 -17.37 46.00
CA THR B 31 -29.92 -17.78 47.26
C THR B 31 -30.56 -17.11 48.42
N GLU B 32 -30.92 -15.87 48.25
CA GLU B 32 -31.50 -15.11 49.34
C GLU B 32 -32.90 -14.65 49.07
N GLY B 33 -33.38 -14.83 47.87
CA GLY B 33 -34.70 -14.35 47.54
C GLY B 33 -35.75 -15.39 47.36
N GLY B 34 -35.46 -16.61 47.70
CA GLY B 34 -36.48 -17.64 47.63
C GLY B 34 -36.96 -17.99 46.26
N CYS B 35 -36.29 -17.49 45.22
CA CYS B 35 -36.67 -17.79 43.85
C CYS B 35 -35.98 -19.06 43.37
N ASN B 36 -36.61 -19.74 42.41
CA ASN B 36 -35.89 -20.74 41.65
C ASN B 36 -35.20 -20.05 40.48
N GLN B 37 -34.36 -20.79 39.77
CA GLN B 37 -33.71 -20.28 38.57
C GLN B 37 -34.73 -19.57 37.66
N ASN B 38 -35.79 -20.29 37.31
CA ASN B 38 -36.76 -19.81 36.34
C ASN B 38 -37.46 -18.55 36.82
N GLU B 39 -38.01 -18.59 38.03
CA GLU B 39 -38.75 -17.44 38.54
C GLU B 39 -37.91 -16.24 38.88
N ALA B 40 -36.62 -16.43 39.09
CA ALA B 40 -35.77 -15.28 39.37
C ALA B 40 -35.66 -14.46 38.12
N THR B 41 -35.53 -15.12 37.00
CA THR B 41 -35.40 -14.42 35.74
C THR B 41 -36.60 -13.51 35.49
N ARG B 42 -37.81 -13.98 35.73
CA ARG B 42 -38.98 -13.16 35.50
C ARG B 42 -39.06 -12.04 36.48
N LEU B 43 -38.61 -12.29 37.70
CA LEU B 43 -38.57 -11.26 38.71
C LEU B 43 -37.73 -10.11 38.21
N ILE B 44 -36.56 -10.41 37.68
CA ILE B 44 -35.74 -9.40 37.11
C ILE B 44 -36.46 -8.64 36.04
N THR B 45 -37.15 -9.31 35.14
CA THR B 45 -37.86 -8.59 34.10
C THR B 45 -38.87 -7.66 34.68
N VAL B 46 -39.65 -8.09 35.66
CA VAL B 46 -40.65 -7.19 36.23
C VAL B 46 -40.05 -6.08 37.05
N LEU B 47 -38.86 -6.28 37.58
CA LEU B 47 -38.20 -5.23 38.31
C LEU B 47 -37.84 -4.09 37.36
N LYS B 48 -37.46 -4.38 36.13
CA LYS B 48 -37.10 -3.35 35.16
C LYS B 48 -38.17 -2.31 34.98
N ARG B 49 -39.43 -2.73 34.88
CA ARG B 49 -40.52 -1.81 34.80
C ARG B 49 -40.77 -1.30 36.22
N LYS B 50 -40.04 -0.27 36.55
CA LYS B 50 -40.07 0.31 37.86
C LYS B 50 -40.44 1.76 37.73
N GLU B 57 -31.30 0.30 35.78
CA GLU B 57 -30.52 -0.54 36.64
C GLU B 57 -30.57 -0.06 38.09
N SER B 58 -31.78 0.24 38.51
CA SER B 58 -32.10 0.62 39.89
C SER B 58 -32.15 -0.63 40.81
N ILE B 59 -32.27 -1.80 40.16
CA ILE B 59 -32.23 -3.13 40.66
C ILE B 59 -31.07 -3.18 41.60
N ASN B 60 -29.88 -2.86 41.12
CA ASN B 60 -28.66 -2.74 41.89
C ASN B 60 -28.79 -2.06 43.24
N LYS B 61 -29.52 -0.96 43.32
CA LYS B 61 -29.73 -0.31 44.58
C LYS B 61 -30.57 -1.15 45.53
N LEU B 62 -31.45 -2.01 45.03
CA LEU B 62 -32.21 -2.86 45.92
C LEU B 62 -31.34 -3.90 46.56
N PHE B 63 -30.28 -4.33 45.89
CA PHE B 63 -29.35 -5.33 46.39
C PHE B 63 -28.19 -4.80 47.16
N GLU B 64 -28.26 -3.53 47.49
CA GLU B 64 -27.24 -2.90 48.26
C GLU B 64 -27.33 -3.34 49.71
N ASN B 65 -28.51 -3.77 50.16
CA ASN B 65 -28.75 -4.35 51.46
C ASN B 65 -29.70 -5.55 51.36
N ASP B 66 -29.92 -6.22 52.47
CA ASP B 66 -30.78 -7.41 52.54
C ASP B 66 -32.27 -7.08 52.44
N ASN B 67 -32.66 -5.81 52.57
CA ASN B 67 -34.05 -5.46 52.84
C ASN B 67 -35.00 -6.00 51.77
N PHE B 68 -34.70 -5.75 50.51
CA PHE B 68 -35.62 -6.19 49.45
C PHE B 68 -35.70 -7.72 49.39
N CYS B 69 -34.55 -8.39 49.35
CA CYS B 69 -34.59 -9.84 49.16
C CYS B 69 -35.21 -10.56 50.35
N ASN B 70 -35.00 -10.05 51.57
CA ASN B 70 -35.63 -10.64 52.73
C ASN B 70 -37.14 -10.52 52.65
N ARG B 71 -37.65 -9.31 52.42
CA ARG B 71 -39.08 -9.11 52.29
C ARG B 71 -39.63 -9.87 51.09
N LEU B 72 -38.89 -9.87 49.98
CA LEU B 72 -39.32 -10.62 48.80
C LEU B 72 -39.36 -12.12 49.07
N SER B 73 -38.45 -12.61 49.91
CA SER B 73 -38.45 -14.04 50.24
C SER B 73 -39.71 -14.43 51.02
N SER B 74 -40.20 -13.54 51.89
CA SER B 74 -41.43 -13.81 52.62
C SER B 74 -42.62 -13.89 51.67
N TYR B 75 -42.69 -12.98 50.69
CA TYR B 75 -43.76 -13.04 49.71
C TYR B 75 -43.60 -14.23 48.76
N MET B 76 -42.35 -14.65 48.54
CA MET B 76 -42.08 -15.76 47.65
C MET B 76 -42.64 -17.07 48.20
N ALA B 77 -42.61 -17.21 49.54
CA ALA B 77 -43.12 -18.39 50.21
C ALA B 77 -44.56 -18.71 49.87
N TYR B 78 -45.32 -17.71 49.42
CA TYR B 78 -46.72 -17.89 49.03
C TYR B 78 -46.90 -17.82 47.51
N GLY B 79 -45.89 -18.27 46.77
CA GLY B 79 -45.98 -18.34 45.32
C GLY B 79 -45.47 -17.11 44.62
N PHE B 80 -45.10 -17.29 43.35
CA PHE B 80 -44.55 -16.19 42.57
C PHE B 80 -45.58 -15.09 42.33
N GLY B 81 -46.86 -15.45 42.15
CA GLY B 81 -47.89 -14.42 41.98
C GLY B 81 -47.95 -13.47 43.15
N ALA B 82 -47.78 -13.99 44.37
CA ALA B 82 -47.77 -13.14 45.56
C ALA B 82 -46.61 -12.14 45.50
N ALA B 83 -45.43 -12.61 45.09
CA ALA B 83 -44.28 -11.71 44.98
C ALA B 83 -44.48 -10.72 43.85
N GLU B 84 -44.96 -11.19 42.70
CA GLU B 84 -45.13 -10.31 41.55
C GLU B 84 -46.02 -9.13 41.91
N GLU B 85 -47.17 -9.41 42.53
CA GLU B 85 -48.15 -8.35 42.73
C GLU B 85 -47.85 -7.47 43.92
N TRP B 86 -47.10 -7.97 44.90
CA TRP B 86 -46.57 -7.10 45.95
C TRP B 86 -45.70 -6.00 45.35
N ILE B 87 -44.95 -6.31 44.29
CA ILE B 87 -44.08 -5.32 43.69
C ILE B 87 -44.88 -4.29 42.89
N LYS B 88 -46.00 -4.71 42.28
CA LYS B 88 -46.72 -3.82 41.37
C LYS B 88 -47.45 -2.71 42.12
N LYS B 89 -47.97 -3.00 43.31
CA LYS B 89 -48.65 -1.95 44.06
C LYS B 89 -47.73 -1.18 44.99
N GLN B 90 -46.53 -1.69 45.25
CA GLN B 90 -45.59 -0.97 46.12
C GLN B 90 -45.00 0.22 45.39
N GLN B 91 -45.28 1.42 45.87
CA GLN B 91 -44.51 2.57 45.45
C GLN B 91 -43.16 2.55 46.16
N ILE B 92 -42.18 3.27 45.58
CA ILE B 92 -40.85 3.47 46.14
C ILE B 92 -40.06 2.30 46.75
N LEU B 93 -39.71 1.31 45.93
CA LEU B 93 -39.11 0.09 46.45
C LEU B 93 -37.88 0.38 47.30
N SER B 94 -37.19 1.48 47.05
CA SER B 94 -35.93 1.75 47.75
C SER B 94 -36.13 2.01 49.24
N ASN B 95 -37.37 2.29 49.66
CA ASN B 95 -37.71 2.49 51.06
C ASN B 95 -38.32 1.25 51.71
N ILE B 96 -37.99 0.06 51.20
CA ILE B 96 -38.53 -1.17 51.74
C ILE B 96 -37.66 -1.57 52.92
N GLN B 97 -38.28 -1.75 54.08
CA GLN B 97 -37.61 -2.09 55.31
C GLN B 97 -38.37 -3.21 56.01
N PRO B 98 -37.71 -3.97 56.89
CA PRO B 98 -38.40 -5.08 57.56
C PRO B 98 -39.63 -4.57 58.31
N LEU B 99 -40.61 -5.48 58.49
CA LEU B 99 -41.91 -5.06 58.98
C LEU B 99 -41.97 -5.16 60.50
N THR B 100 -43.17 -4.94 61.05
CA THR B 100 -43.42 -4.81 62.48
C THR B 100 -42.46 -3.79 63.13
N PRO B 119 -31.18 -28.05 46.67
CA PRO B 119 -30.62 -28.14 48.03
C PRO B 119 -29.74 -26.93 48.39
N ASN B 120 -30.30 -26.03 49.21
CA ASN B 120 -29.71 -24.70 49.41
C ASN B 120 -28.77 -24.72 50.63
N ILE B 121 -27.61 -25.33 50.41
CA ILE B 121 -26.56 -25.34 51.43
C ILE B 121 -26.12 -23.91 51.74
N PHE B 122 -25.92 -23.10 50.70
CA PHE B 122 -25.40 -21.74 50.88
C PHE B 122 -26.40 -20.89 51.66
N GLY B 123 -27.67 -20.88 51.23
CA GLY B 123 -28.67 -20.13 51.96
C GLY B 123 -28.82 -20.60 53.39
N ALA B 124 -28.62 -21.88 53.62
CA ALA B 124 -28.63 -22.41 54.98
C ALA B 124 -27.39 -21.98 55.76
N ALA B 125 -26.25 -21.85 55.07
CA ALA B 125 -25.00 -21.44 55.73
C ALA B 125 -25.05 -20.00 56.22
N ILE B 126 -25.69 -19.10 55.47
CA ILE B 126 -25.67 -17.69 55.88
C ILE B 126 -26.76 -17.37 56.89
N THR B 127 -27.85 -18.12 56.81
CA THR B 127 -28.76 -18.14 57.92
C THR B 127 -28.14 -19.16 58.94
N PHE B 128 -28.67 -19.26 60.14
CA PHE B 128 -28.14 -20.20 61.16
C PHE B 128 -26.67 -20.13 61.44
N GLY B 129 -26.23 -19.00 61.93
CA GLY B 129 -24.83 -18.81 62.19
C GLY B 129 -24.24 -19.66 63.27
N LYS B 130 -25.08 -20.40 63.99
CA LYS B 130 -24.55 -21.19 65.08
C LYS B 130 -24.36 -22.67 64.80
N SER B 131 -24.56 -23.12 63.56
CA SER B 131 -24.42 -24.54 63.30
C SER B 131 -22.95 -24.91 63.33
N PRO B 132 -22.59 -26.03 63.97
CA PRO B 132 -21.16 -26.37 64.14
C PRO B 132 -20.30 -26.26 62.89
N VAL B 133 -20.83 -26.56 61.69
CA VAL B 133 -20.03 -26.34 60.49
C VAL B 133 -19.97 -24.86 60.17
N VAL B 134 -21.09 -24.14 60.37
CA VAL B 134 -21.08 -22.73 60.05
C VAL B 134 -20.05 -22.00 60.87
N LYS B 135 -19.77 -22.60 62.00
CA LYS B 135 -18.84 -22.11 62.97
C LYS B 135 -17.44 -22.38 62.48
N LEU B 136 -17.25 -23.53 61.87
CA LEU B 136 -15.96 -23.95 61.33
C LEU B 136 -15.69 -23.26 60.00
N LEU B 137 -16.72 -22.90 59.23
CA LEU B 137 -16.50 -22.12 58.02
C LEU B 137 -15.97 -20.73 58.34
N LYS B 138 -16.60 -20.06 59.31
CA LYS B 138 -16.09 -18.78 59.82
C LYS B 138 -14.66 -18.94 60.37
N GLN B 139 -14.33 -20.12 60.84
CA GLN B 139 -13.01 -20.27 61.36
C GLN B 139 -12.03 -20.19 60.25
N ASN B 140 -12.23 -20.99 59.24
CA ASN B 140 -11.34 -21.02 58.10
C ASN B 140 -11.35 -19.70 57.38
N ALA B 141 -12.52 -19.09 57.24
CA ALA B 141 -12.61 -17.80 56.58
C ALA B 141 -11.65 -16.81 57.25
N ARG B 142 -11.64 -16.79 58.59
CA ARG B 142 -10.73 -15.90 59.30
C ARG B 142 -9.29 -16.34 59.16
N GLU B 143 -9.03 -17.65 59.09
CA GLU B 143 -7.65 -18.10 58.93
C GLU B 143 -7.10 -17.74 57.56
N ILE B 144 -7.90 -17.95 56.50
CA ILE B 144 -7.48 -17.56 55.16
C ILE B 144 -7.19 -16.07 55.10
N CYS B 145 -7.97 -15.27 55.82
CA CYS B 145 -7.82 -13.82 55.72
C CYS B 145 -6.52 -13.36 56.37
N GLU B 146 -6.21 -13.89 57.56
CA GLU B 146 -4.95 -13.56 58.20
C GLU B 146 -3.74 -14.05 57.39
N SER B 147 -3.94 -15.05 56.54
CA SER B 147 -2.86 -15.50 55.65
C SER B 147 -2.72 -14.59 54.44
N ILE B 148 -3.81 -14.37 53.69
CA ILE B 148 -3.71 -13.66 52.43
C ILE B 148 -3.65 -12.14 52.57
N LEU B 149 -4.09 -11.59 53.70
CA LEU B 149 -4.18 -10.13 53.83
C LEU B 149 -2.98 -9.58 54.59
N MET B 150 -2.86 -8.25 54.56
CA MET B 150 -1.75 -7.51 55.13
C MET B 150 -2.05 -7.06 56.54
N ASP B 151 -3.31 -6.70 56.77
CA ASP B 151 -3.73 -6.18 58.06
C ASP B 151 -4.74 -7.11 58.69
N GLU B 152 -5.42 -6.58 59.67
CA GLU B 152 -6.32 -7.32 60.52
C GLU B 152 -7.67 -7.49 59.81
N PRO B 153 -8.14 -8.73 59.61
CA PRO B 153 -9.32 -8.96 58.76
C PRO B 153 -10.52 -8.11 59.10
N ASN B 154 -11.17 -7.61 58.05
CA ASN B 154 -12.43 -6.89 58.14
C ASN B 154 -13.57 -7.84 58.46
N LEU B 155 -14.70 -7.28 58.89
CA LEU B 155 -15.89 -8.10 59.06
C LEU B 155 -16.45 -8.48 57.69
N LYS B 156 -16.39 -7.56 56.73
CA LYS B 156 -16.80 -7.85 55.36
C LYS B 156 -15.83 -8.83 54.71
N GLN B 157 -14.55 -8.74 55.05
CA GLN B 157 -13.55 -9.60 54.42
C GLN B 157 -13.70 -11.05 54.83
N VAL B 158 -14.20 -11.33 56.04
CA VAL B 158 -14.43 -12.72 56.40
C VAL B 158 -15.71 -13.22 55.75
N GLU B 159 -16.74 -12.38 55.69
CA GLU B 159 -17.98 -12.74 55.01
C GLU B 159 -17.71 -13.13 53.56
N TYR B 160 -16.82 -12.40 52.89
CA TYR B 160 -16.45 -12.68 51.51
C TYR B 160 -15.85 -14.07 51.36
N ILE B 161 -14.80 -14.35 52.13
CA ILE B 161 -14.17 -15.66 52.06
C ILE B 161 -15.09 -16.74 52.62
N PHE B 162 -15.93 -16.38 53.60
CA PHE B 162 -16.87 -17.33 54.17
C PHE B 162 -17.87 -17.80 53.13
N ARG B 163 -18.47 -16.86 52.40
CA ARG B 163 -19.41 -17.23 51.36
C ARG B 163 -18.72 -17.94 50.20
N LEU B 164 -17.44 -17.63 49.95
CA LEU B 164 -16.65 -18.40 49.00
C LEU B 164 -16.57 -19.87 49.44
N LEU B 165 -16.25 -20.09 50.72
CA LEU B 165 -16.20 -21.45 51.24
C LEU B 165 -17.57 -22.10 51.18
N ALA B 166 -18.61 -21.40 51.63
CA ALA B 166 -19.94 -21.99 51.69
C ALA B 166 -20.43 -22.41 50.31
N LEU B 167 -20.28 -21.54 49.32
CA LEU B 167 -20.78 -21.87 47.99
C LEU B 167 -19.94 -22.95 47.33
N GLN B 168 -18.66 -23.02 47.67
CA GLN B 168 -17.83 -24.10 47.18
C GLN B 168 -18.20 -25.42 47.84
N VAL B 169 -18.64 -25.38 49.10
CA VAL B 169 -19.12 -26.59 49.77
C VAL B 169 -20.40 -27.09 49.13
N GLN B 170 -21.32 -26.18 48.82
CA GLN B 170 -22.58 -26.57 48.19
C GLN B 170 -22.35 -27.21 46.83
N GLU B 171 -21.30 -26.82 46.11
CA GLU B 171 -21.07 -27.36 44.78
C GLU B 171 -20.12 -28.56 44.75
N THR B 172 -19.45 -28.91 45.85
CA THR B 172 -18.70 -30.16 45.87
C THR B 172 -19.54 -31.31 46.41
N TYR B 173 -20.53 -31.00 47.24
CA TYR B 173 -21.48 -31.98 47.74
C TYR B 173 -22.63 -32.17 46.76
N SER B 174 -23.15 -33.40 46.69
CA SER B 174 -24.36 -33.66 45.92
C SER B 174 -24.98 -34.97 46.39
N GLY B 175 -26.27 -35.16 46.08
CA GLY B 175 -27.01 -36.37 46.41
C GLY B 175 -27.58 -36.31 47.81
N GLU B 176 -27.62 -37.43 48.57
CA GLU B 176 -28.20 -37.42 49.93
C GLU B 176 -27.38 -36.63 50.93
N GLN B 177 -26.07 -36.68 50.86
CA GLN B 177 -25.35 -36.00 51.92
C GLN B 177 -25.23 -34.49 51.68
N ALA B 178 -25.54 -33.99 50.49
CA ALA B 178 -25.87 -32.58 50.38
C ALA B 178 -27.14 -32.30 51.19
N GLU B 179 -28.10 -33.22 51.09
CA GLU B 179 -29.37 -33.05 51.80
C GLU B 179 -29.22 -33.14 53.33
N LYS B 180 -28.43 -34.09 53.86
CA LYS B 180 -28.24 -34.12 55.31
C LYS B 180 -27.51 -32.85 55.67
N LEU B 181 -26.34 -32.59 55.07
CA LEU B 181 -25.57 -31.49 55.61
C LEU B 181 -26.40 -30.23 55.55
N TYR B 182 -27.39 -30.18 54.66
CA TYR B 182 -28.42 -29.17 54.77
C TYR B 182 -29.28 -29.42 56.01
N GLU B 183 -29.67 -30.68 56.25
CA GLU B 183 -30.35 -31.00 57.50
C GLU B 183 -29.44 -30.79 58.70
N CYS B 184 -28.14 -31.09 58.52
CA CYS B 184 -27.16 -30.87 59.58
C CYS B 184 -27.04 -29.38 59.91
N ILE B 185 -27.23 -28.49 58.93
CA ILE B 185 -27.18 -27.05 59.17
C ILE B 185 -28.39 -26.45 59.90
N ARG B 186 -29.57 -27.07 59.72
CA ARG B 186 -30.71 -26.54 60.47
C ARG B 186 -30.78 -27.08 61.92
N ASP B 187 -30.24 -28.28 62.18
CA ASP B 187 -30.30 -28.85 63.52
C ASP B 187 -29.03 -28.62 64.30
N LYS B 188 -28.11 -27.81 63.78
CA LYS B 188 -26.83 -27.53 64.44
C LYS B 188 -26.19 -28.83 64.92
N LYS B 189 -26.37 -29.89 64.14
CA LYS B 189 -25.72 -31.15 64.46
C LYS B 189 -24.20 -30.94 64.38
N PRO B 190 -23.44 -31.67 65.20
CA PRO B 190 -21.98 -31.51 65.15
C PRO B 190 -21.48 -31.77 63.74
N ILE B 191 -20.26 -31.31 63.48
CA ILE B 191 -19.75 -31.38 62.12
C ILE B 191 -19.62 -32.84 61.71
N PRO B 192 -20.01 -33.22 60.50
CA PRO B 192 -20.04 -34.65 60.16
C PRO B 192 -18.66 -35.26 60.16
N SER B 193 -18.63 -36.58 60.36
CA SER B 193 -17.44 -37.32 60.01
C SER B 193 -17.19 -37.10 58.53
N LYS B 194 -15.91 -36.98 58.16
CA LYS B 194 -15.46 -36.75 56.79
C LYS B 194 -15.77 -35.36 56.28
N PHE B 195 -16.17 -34.42 57.14
CA PHE B 195 -16.38 -33.07 56.63
C PHE B 195 -15.13 -32.20 56.60
N GLU B 196 -14.28 -32.27 57.62
CA GLU B 196 -13.17 -31.32 57.64
C GLU B 196 -12.07 -31.65 56.64
N GLU B 197 -11.97 -32.86 56.11
CA GLU B 197 -11.01 -33.00 55.01
C GLU B 197 -11.67 -32.95 53.64
N ILE B 198 -13.02 -33.03 53.55
CA ILE B 198 -13.67 -32.57 52.33
C ILE B 198 -13.43 -31.08 52.18
N LEU B 199 -13.32 -30.36 53.30
CA LEU B 199 -13.20 -28.91 53.33
C LEU B 199 -11.75 -28.43 53.20
N LEU B 200 -10.75 -29.31 53.38
CA LEU B 200 -9.37 -28.82 53.32
C LEU B 200 -9.00 -28.36 51.90
N PRO B 201 -9.22 -29.15 50.84
CA PRO B 201 -8.87 -28.67 49.49
C PRO B 201 -9.63 -27.44 49.10
N ILE B 202 -10.87 -27.30 49.56
CA ILE B 202 -11.62 -26.07 49.34
C ILE B 202 -10.86 -24.90 49.97
N VAL B 203 -10.46 -25.05 51.24
CA VAL B 203 -9.79 -23.96 51.93
C VAL B 203 -8.47 -23.61 51.27
N ASN B 204 -7.67 -24.63 50.94
CA ASN B 204 -6.35 -24.38 50.38
C ASN B 204 -6.43 -23.82 48.97
N ARG B 205 -7.52 -24.10 48.26
CA ARG B 205 -7.63 -23.63 46.89
C ARG B 205 -8.04 -22.16 46.86
N ILE B 206 -9.08 -21.80 47.63
CA ILE B 206 -9.46 -20.40 47.80
C ILE B 206 -8.28 -19.57 48.29
N LYS B 207 -7.43 -20.16 49.12
CA LYS B 207 -6.35 -19.38 49.73
C LYS B 207 -5.22 -19.09 48.74
N GLU B 208 -4.82 -20.06 47.93
CA GLU B 208 -3.76 -19.75 46.97
C GLU B 208 -4.28 -18.93 45.80
N ASN B 209 -5.58 -18.99 45.51
CA ASN B 209 -6.17 -18.07 44.55
C ASN B 209 -6.03 -16.63 44.98
N HIS B 210 -5.79 -16.38 46.28
CA HIS B 210 -5.64 -15.03 46.78
C HIS B 210 -4.22 -14.72 47.24
N THR B 211 -3.25 -15.60 46.99
CA THR B 211 -1.86 -15.36 47.39
C THR B 211 -0.89 -15.51 46.24
N GLU B 212 -1.11 -16.45 45.34
CA GLU B 212 -0.16 -16.67 44.27
C GLU B 212 -0.41 -15.64 43.17
N ILE B 213 0.69 -15.15 42.60
CA ILE B 213 0.58 -14.26 41.45
C ILE B 213 -0.10 -15.01 40.32
N LEU B 214 -1.05 -14.35 39.65
CA LEU B 214 -1.71 -14.96 38.51
C LEU B 214 -0.70 -15.36 37.44
N ASN B 215 -0.95 -16.50 36.81
CA ASN B 215 -0.08 -17.07 35.80
C ASN B 215 -0.20 -16.32 34.47
N GLU B 216 0.65 -16.71 33.52
CA GLU B 216 0.65 -16.05 32.21
C GLU B 216 -0.60 -16.41 31.40
N SER B 217 -1.20 -17.57 31.65
CA SER B 217 -2.36 -17.99 30.86
C SER B 217 -3.62 -17.25 31.27
N LYS B 218 -3.66 -16.73 32.50
CA LYS B 218 -4.76 -15.92 32.98
C LYS B 218 -4.50 -14.43 32.84
N ARG B 219 -3.38 -14.05 32.21
CA ARG B 219 -3.05 -12.65 31.96
C ARG B 219 -2.97 -12.35 30.47
N ASN B 220 -3.55 -13.20 29.64
CA ASN B 220 -3.49 -13.03 28.20
C ASN B 220 -4.53 -11.99 27.77
N HIS B 221 -4.06 -10.84 27.30
CA HIS B 221 -4.91 -9.69 27.00
C HIS B 221 -4.69 -9.34 25.54
N LEU B 222 -5.72 -9.58 24.71
CA LEU B 222 -5.65 -9.34 23.27
C LEU B 222 -4.51 -10.16 22.66
N GLY B 223 -4.34 -11.38 23.14
CA GLY B 223 -3.35 -12.29 22.59
C GLY B 223 -1.94 -12.07 23.10
N VAL B 224 -1.74 -11.17 24.05
CA VAL B 224 -0.41 -10.84 24.55
C VAL B 224 -0.43 -10.91 26.07
N THR B 225 0.60 -11.54 26.65
CA THR B 225 0.70 -11.66 28.09
C THR B 225 0.95 -10.30 28.72
N ILE B 226 0.16 -9.98 29.74
CA ILE B 226 0.42 -8.79 30.56
C ILE B 226 1.61 -9.10 31.47
N GLN B 227 2.70 -8.38 31.27
CA GLN B 227 3.95 -8.58 32.00
C GLN B 227 3.99 -7.73 33.25
N LEU B 228 4.49 -8.30 34.33
CA LEU B 228 4.55 -7.59 35.60
C LEU B 228 5.84 -6.77 35.79
N ASN B 229 6.82 -6.91 34.90
CA ASN B 229 8.06 -6.14 34.97
C ASN B 229 8.04 -4.91 34.06
N ASP B 230 6.88 -4.59 33.49
CA ASP B 230 6.67 -3.41 32.67
C ASP B 230 7.77 -3.17 31.61
N PRO B 231 7.92 -4.10 30.66
CA PRO B 231 9.00 -3.94 29.67
C PRO B 231 8.68 -3.04 28.49
N TYR B 232 7.43 -2.63 28.29
CA TYR B 232 7.07 -1.84 27.10
C TYR B 232 7.18 -0.36 27.39
N SER B 233 7.74 0.39 26.46
CA SER B 233 7.95 1.81 26.66
C SER B 233 6.91 2.63 25.91
N PHE B 234 6.59 3.79 26.47
CA PHE B 234 5.56 4.66 25.95
C PHE B 234 6.04 6.11 26.02
N SER B 235 5.44 6.94 25.17
CA SER B 235 5.73 8.37 25.15
C SER B 235 4.64 9.12 25.89
N THR B 236 5.06 10.11 26.68
CA THR B 236 4.13 11.05 27.30
C THR B 236 3.96 12.31 26.48
N LYS B 237 4.48 12.36 25.25
CA LYS B 237 4.43 13.59 24.47
C LYS B 237 3.83 13.36 23.09
N ASN B 238 4.07 12.20 22.50
CA ASN B 238 3.47 11.88 21.20
C ASN B 238 2.00 11.50 21.35
N SER B 239 1.16 12.07 20.49
CA SER B 239 -0.24 11.73 20.48
C SER B 239 -0.80 11.95 19.08
N PHE B 240 -1.87 11.21 18.76
CA PHE B 240 -2.65 11.51 17.56
C PHE B 240 -4.12 11.50 17.91
N CYS B 241 -4.89 12.23 17.11
CA CYS B 241 -6.34 12.24 17.23
C CYS B 241 -6.91 12.22 15.82
N ILE B 242 -8.24 12.12 15.75
CA ILE B 242 -8.94 11.93 14.48
C ILE B 242 -10.13 12.89 14.45
N TRP B 243 -10.36 13.51 13.30
CA TRP B 243 -11.55 14.35 13.14
C TRP B 243 -12.00 14.33 11.70
N PHE B 244 -13.09 13.63 11.42
CA PHE B 244 -13.71 13.61 10.10
C PHE B 244 -14.94 14.52 10.17
N SER B 245 -14.83 15.72 9.62
CA SER B 245 -15.93 16.66 9.69
C SER B 245 -17.09 16.20 8.82
N ASN B 246 -18.31 16.36 9.33
CA ASN B 246 -19.51 16.18 8.55
C ASN B 246 -19.94 17.47 7.85
N ASN B 247 -19.10 18.50 7.93
CA ASN B 247 -19.36 19.80 7.30
C ASN B 247 -18.20 20.15 6.38
N PRO B 248 -18.37 20.07 5.06
CA PRO B 248 -17.23 20.33 4.17
C PRO B 248 -16.67 21.74 4.26
N ASN B 249 -17.38 22.68 4.88
CA ASN B 249 -16.92 24.05 5.00
C ASN B 249 -16.26 24.38 6.33
N SER B 250 -16.22 23.44 7.26
CA SER B 250 -15.56 23.61 8.56
C SER B 250 -14.82 22.31 8.88
N ALA B 251 -13.49 22.33 8.73
CA ALA B 251 -12.73 21.10 8.96
C ALA B 251 -12.80 20.62 10.40
N MET B 252 -13.03 21.52 11.37
CA MET B 252 -12.91 21.23 12.80
C MET B 252 -13.38 22.43 13.60
N PRO B 253 -14.24 22.24 14.59
CA PRO B 253 -14.72 23.38 15.39
C PRO B 253 -13.58 24.14 16.05
N LYS B 254 -13.83 25.43 16.29
CA LYS B 254 -12.83 26.34 16.83
C LYS B 254 -12.34 25.91 18.21
N LYS B 255 -13.23 25.34 19.04
CA LYS B 255 -12.83 24.99 20.40
C LYS B 255 -11.96 23.74 20.44
N ILE B 256 -12.10 22.87 19.45
CA ILE B 256 -11.20 21.72 19.38
C ILE B 256 -9.85 22.13 18.79
N LYS B 257 -9.85 23.06 17.83
CA LYS B 257 -8.59 23.62 17.34
C LYS B 257 -7.80 24.25 18.48
N ASP B 258 -8.47 24.98 19.38
CA ASP B 258 -7.76 25.58 20.50
C ASP B 258 -7.17 24.53 21.40
N ILE B 259 -7.90 23.43 21.62
CA ILE B 259 -7.39 22.35 22.45
C ILE B 259 -6.13 21.75 21.83
N LEU B 260 -6.13 21.59 20.50
CA LEU B 260 -4.98 20.99 19.82
C LEU B 260 -3.80 21.93 19.75
N GLU B 261 -4.05 23.24 19.56
CA GLU B 261 -2.96 24.20 19.61
C GLU B 261 -2.26 24.16 20.97
N GLU B 262 -3.04 24.05 22.05
CA GLU B 262 -2.44 23.94 23.38
C GLU B 262 -1.71 22.61 23.54
N ARG B 263 -2.29 21.53 23.01
CA ARG B 263 -1.66 20.22 23.11
C ARG B 263 -0.32 20.19 22.37
N ALA B 264 -0.29 20.74 21.15
CA ALA B 264 0.95 20.77 20.37
C ALA B 264 2.01 21.62 21.07
N LYS B 265 1.60 22.76 21.65
CA LYS B 265 2.57 23.63 22.30
C LYS B 265 3.10 23.01 23.58
N GLN B 266 2.28 22.29 24.29
CA GLN B 266 2.67 21.74 25.54
C GLN B 266 3.45 20.50 25.43
N ASN B 267 3.26 19.75 24.35
CA ASN B 267 3.96 18.53 24.11
C ASN B 267 5.38 18.53 23.50
N ALA B 268 5.97 19.71 23.61
CA ALA B 268 7.28 20.11 23.24
C ALA B 268 7.58 19.75 21.87
N PRO B 269 8.63 18.99 21.67
CA PRO B 269 9.08 18.49 20.39
C PRO B 269 8.48 17.16 20.07
N GLY B 270 7.52 16.68 20.84
CA GLY B 270 6.84 15.46 20.52
C GLY B 270 5.82 15.68 19.43
N VAL B 271 5.39 14.62 18.80
CA VAL B 271 4.41 14.73 17.75
C VAL B 271 3.01 14.98 18.25
N THR B 272 2.31 15.87 17.60
CA THR B 272 0.88 16.07 17.83
C THR B 272 0.18 15.87 16.49
N LYS B 273 -0.29 14.65 16.26
CA LYS B 273 -0.80 14.25 14.96
C LYS B 273 -2.33 14.34 14.92
N LEU B 274 -2.84 14.75 13.77
CA LEU B 274 -4.27 14.90 13.55
C LEU B 274 -4.61 14.22 12.23
N VAL B 275 -5.47 13.20 12.30
CA VAL B 275 -5.91 12.44 11.14
C VAL B 275 -7.24 12.99 10.67
N TYR B 276 -7.38 13.16 9.35
CA TYR B 276 -8.61 13.67 8.78
C TYR B 276 -8.81 13.06 7.41
N SER B 277 -9.87 13.50 6.73
CA SER B 277 -10.19 13.02 5.40
C SER B 277 -10.30 14.20 4.46
N ARG B 278 -9.43 14.23 3.44
CA ARG B 278 -9.51 15.29 2.46
C ARG B 278 -10.84 15.25 1.71
N ALA B 279 -11.39 14.05 1.45
CA ALA B 279 -12.65 13.94 0.73
C ALA B 279 -13.83 14.54 1.48
N CYS B 280 -13.70 14.83 2.77
CA CYS B 280 -14.80 15.41 3.54
C CYS B 280 -14.77 16.93 3.53
N LEU B 281 -13.73 17.53 2.96
CA LEU B 281 -13.59 18.96 2.94
C LEU B 281 -13.65 19.49 1.51
N THR B 282 -14.00 20.78 1.39
CA THR B 282 -13.83 21.49 0.13
C THR B 282 -12.35 21.81 -0.08
N LYS B 283 -12.00 22.10 -1.34
CA LYS B 283 -10.61 22.47 -1.63
C LYS B 283 -10.19 23.69 -0.82
N LYS B 284 -11.06 24.70 -0.77
CA LYS B 284 -10.74 25.92 -0.04
C LYS B 284 -10.59 25.67 1.45
N GLU B 285 -11.50 24.88 2.03
CA GLU B 285 -11.44 24.62 3.46
C GLU B 285 -10.25 23.74 3.81
N ASN B 286 -9.96 22.74 2.96
CA ASN B 286 -8.76 21.94 3.17
C ASN B 286 -7.51 22.82 3.15
N THR B 287 -7.44 23.76 2.21
CA THR B 287 -6.30 24.67 2.15
C THR B 287 -6.15 25.45 3.45
N ASN B 288 -7.27 26.00 3.94
CA ASN B 288 -7.27 26.71 5.22
C ASN B 288 -6.83 25.79 6.36
N PHE B 289 -7.30 24.53 6.32
CA PHE B 289 -6.98 23.56 7.37
C PHE B 289 -5.51 23.21 7.37
N VAL B 290 -4.97 22.91 6.18
CA VAL B 290 -3.57 22.54 6.08
C VAL B 290 -2.69 23.65 6.64
N GLN B 291 -3.07 24.91 6.41
CA GLN B 291 -2.27 26.03 6.91
C GLN B 291 -2.41 26.21 8.41
N TRP B 292 -3.63 26.07 8.95
CA TRP B 292 -3.80 26.19 10.40
C TRP B 292 -2.91 25.18 11.13
N ALA B 293 -2.85 23.95 10.63
CA ALA B 293 -1.98 22.95 11.27
C ALA B 293 -0.51 23.34 11.16
N LYS B 294 -0.11 23.93 10.02
CA LYS B 294 1.28 24.34 9.86
C LYS B 294 1.63 25.47 10.82
N GLU B 295 0.71 26.41 11.00
CA GLU B 295 1.00 27.56 11.87
C GLU B 295 1.05 27.18 13.34
N ASN B 296 0.59 25.99 13.71
CA ASN B 296 0.47 25.65 15.13
C ASN B 296 1.19 24.37 15.51
N GLY B 297 2.04 23.84 14.64
CA GLY B 297 2.86 22.68 14.99
C GLY B 297 2.13 21.36 15.04
N ILE B 298 1.05 21.23 14.28
CA ILE B 298 0.21 20.03 14.27
C ILE B 298 0.51 19.27 12.99
N THR B 299 0.82 17.97 13.13
CA THR B 299 1.16 17.13 11.99
C THR B 299 -0.13 16.52 11.43
N LEU B 300 -0.55 16.99 10.26
CA LEU B 300 -1.73 16.48 9.59
C LEU B 300 -1.42 15.19 8.86
N LEU B 301 -2.37 14.26 8.88
CA LEU B 301 -2.32 13.05 8.07
C LEU B 301 -3.66 12.89 7.38
N ASP B 302 -3.65 12.97 6.04
CA ASP B 302 -4.84 12.74 5.23
C ASP B 302 -4.94 11.24 4.98
N PHE B 303 -5.85 10.56 5.69
CA PHE B 303 -5.87 9.11 5.55
C PHE B 303 -6.41 8.64 4.20
N ASP B 304 -6.97 9.54 3.37
CA ASP B 304 -7.35 9.14 2.00
C ASP B 304 -6.14 8.70 1.19
N GLU B 305 -4.96 9.27 1.46
CA GLU B 305 -3.75 8.94 0.70
C GLU B 305 -3.01 7.75 1.26
N LEU B 306 -3.46 7.19 2.39
CA LEU B 306 -2.74 6.09 3.01
C LEU B 306 -2.86 4.83 2.15
N LYS B 307 -1.75 4.09 2.02
CA LYS B 307 -1.71 2.82 1.32
C LYS B 307 -1.60 1.69 2.34
N CYS B 308 -2.57 0.79 2.34
CA CYS B 308 -2.72 -0.25 3.33
C CYS B 308 -2.77 -1.63 2.69
N GLN B 309 -2.52 -2.64 3.52
CA GLN B 309 -2.66 -4.04 3.14
C GLN B 309 -3.27 -4.80 4.31
N GLY B 310 -3.83 -5.97 4.01
CA GLY B 310 -4.32 -6.85 5.06
C GLY B 310 -5.43 -6.23 5.89
N GLU B 311 -5.40 -6.51 7.20
CA GLU B 311 -6.40 -5.97 8.12
C GLU B 311 -6.45 -4.44 8.05
N ASP B 312 -5.29 -3.79 8.01
CA ASP B 312 -5.23 -2.35 7.80
C ASP B 312 -6.15 -1.92 6.67
N LEU B 313 -6.11 -2.66 5.54
CA LEU B 313 -6.92 -2.27 4.38
C LEU B 313 -8.40 -2.59 4.59
N GLU B 314 -8.70 -3.65 5.32
CA GLU B 314 -10.10 -3.95 5.64
C GLU B 314 -10.70 -2.85 6.51
N LEU B 315 -9.96 -2.37 7.52
CA LEU B 315 -10.45 -1.25 8.32
C LEU B 315 -10.56 0.02 7.48
N TRP B 316 -9.58 0.28 6.63
CA TRP B 316 -9.59 1.47 5.77
C TRP B 316 -10.81 1.46 4.85
N ASN B 317 -11.11 0.32 4.24
CA ASN B 317 -12.27 0.25 3.35
C ASN B 317 -13.56 0.50 4.13
N LEU B 318 -13.66 -0.04 5.34
CA LEU B 318 -14.87 0.15 6.15
C LEU B 318 -15.00 1.60 6.59
N ALA B 319 -13.88 2.24 6.96
CA ALA B 319 -13.92 3.64 7.37
C ALA B 319 -14.31 4.54 6.19
N GLN B 320 -13.76 4.28 5.01
CA GLN B 320 -14.15 5.06 3.83
C GLN B 320 -15.61 4.85 3.50
N ALA B 321 -16.12 3.62 3.65
CA ALA B 321 -17.54 3.38 3.42
C ALA B 321 -18.40 4.18 4.39
N GLU B 322 -18.03 4.21 5.67
CA GLU B 322 -18.78 4.99 6.64
C GLU B 322 -18.84 6.45 6.25
N LEU B 323 -17.68 7.04 5.92
CA LEU B 323 -17.59 8.46 5.59
C LEU B 323 -18.30 8.77 4.28
N LYS B 324 -18.24 7.86 3.31
CA LYS B 324 -18.98 8.08 2.07
C LYS B 324 -20.48 8.04 2.34
N ALA B 325 -20.94 7.09 3.16
CA ALA B 325 -22.36 7.06 3.50
C ALA B 325 -22.75 8.26 4.36
N MET B 326 -21.81 8.85 5.10
CA MET B 326 -22.12 10.08 5.82
C MET B 326 -22.36 11.24 4.85
N ARG B 327 -21.45 11.41 3.87
CA ARG B 327 -21.57 12.52 2.91
C ARG B 327 -22.85 12.42 2.09
N GLU B 328 -23.28 11.21 1.77
CA GLU B 328 -24.47 10.99 0.96
C GLU B 328 -25.74 10.88 1.79
N GLY B 329 -25.65 11.07 3.11
CA GLY B 329 -26.83 10.97 3.96
C GLY B 329 -27.48 9.61 3.95
N LYS B 330 -26.68 8.55 3.96
CA LYS B 330 -27.15 7.18 3.87
C LYS B 330 -26.72 6.35 5.08
N GLY B 331 -26.71 6.98 6.25
CA GLY B 331 -26.50 6.27 7.51
C GLY B 331 -25.08 6.13 8.00
N GLY B 332 -24.11 6.75 7.31
CA GLY B 332 -22.73 6.67 7.76
C GLY B 332 -22.44 7.65 8.89
N ASN B 333 -21.45 7.28 9.71
CA ASN B 333 -21.15 8.04 10.90
C ASN B 333 -19.65 8.32 10.98
N PRO B 334 -19.24 9.57 11.26
CA PRO B 334 -17.80 9.88 11.31
C PRO B 334 -17.10 9.36 12.58
N ALA B 335 -17.83 9.12 13.67
CA ALA B 335 -17.19 8.50 14.83
C ALA B 335 -16.95 7.02 14.61
N ALA B 336 -17.85 6.33 13.91
CA ALA B 336 -17.58 4.94 13.54
C ALA B 336 -16.32 4.85 12.70
N ALA B 337 -16.15 5.78 11.76
CA ALA B 337 -14.92 5.80 10.97
C ALA B 337 -13.71 6.06 11.87
N SER B 338 -13.84 7.02 12.79
CA SER B 338 -12.74 7.29 13.73
C SER B 338 -12.45 6.06 14.59
N ASP B 339 -13.49 5.31 14.98
CA ASP B 339 -13.31 4.12 15.80
C ASP B 339 -12.44 3.08 15.12
N LEU B 340 -12.51 3.00 13.79
CA LEU B 340 -11.78 2.00 13.02
C LEU B 340 -10.37 2.45 12.63
N VAL B 341 -10.21 3.70 12.16
CA VAL B 341 -8.89 4.09 11.67
C VAL B 341 -7.89 4.21 12.83
N ARG B 342 -8.36 4.48 14.04
CA ARG B 342 -7.68 4.34 15.32
C ARG B 342 -6.71 3.16 15.37
N TRP B 343 -7.08 2.07 14.70
CA TRP B 343 -6.39 0.80 14.80
C TRP B 343 -5.58 0.46 13.55
N ILE B 344 -5.45 1.39 12.63
CA ILE B 344 -4.67 1.17 11.43
C ILE B 344 -3.19 1.45 11.74
N SER B 345 -2.32 0.51 11.37
CA SER B 345 -0.90 0.62 11.74
C SER B 345 -0.24 1.84 11.11
N GLY B 346 -0.58 2.14 9.87
CA GLY B 346 -0.03 3.33 9.23
C GLY B 346 -0.57 4.63 9.79
N VAL B 347 -1.75 4.60 10.43
CA VAL B 347 -2.27 5.77 11.13
C VAL B 347 -1.54 5.95 12.46
N ILE B 348 -1.43 4.86 13.23
CA ILE B 348 -0.76 4.92 14.54
C ILE B 348 0.70 5.32 14.37
N GLY B 349 1.41 4.65 13.46
CA GLY B 349 2.82 4.94 13.27
C GLY B 349 3.70 4.02 14.09
N ASP B 350 5.00 4.20 13.90
CA ASP B 350 6.01 3.25 14.38
C ASP B 350 6.62 3.60 15.73
N VAL B 351 6.51 4.85 16.19
CA VAL B 351 7.09 5.23 17.48
C VAL B 351 5.99 5.19 18.53
N PRO B 352 6.33 5.09 19.82
CA PRO B 352 5.29 5.14 20.85
C PRO B 352 4.42 6.39 20.71
N ILE B 353 3.11 6.20 20.86
CA ILE B 353 2.17 7.30 20.65
C ILE B 353 0.84 6.93 21.31
N ALA B 354 0.15 7.95 21.83
CA ALA B 354 -1.16 7.78 22.44
C ALA B 354 -2.23 8.27 21.49
N TYR B 355 -3.25 7.44 21.23
CA TYR B 355 -4.48 7.97 20.67
C TYR B 355 -5.24 8.74 21.76
N VAL B 356 -5.82 9.87 21.39
CA VAL B 356 -6.71 10.61 22.27
C VAL B 356 -7.87 11.16 21.45
N ASP B 357 -8.98 11.33 22.09
CA ASP B 357 -10.09 11.97 21.47
C ASP B 357 -9.61 13.39 21.20
N ALA B 358 -10.05 13.96 20.12
CA ALA B 358 -9.64 15.29 19.75
C ALA B 358 -9.83 16.37 20.80
N ASP B 359 -10.90 16.33 21.56
CA ASP B 359 -11.14 17.33 22.57
C ASP B 359 -10.61 16.98 23.94
N MET B 360 -9.73 16.01 24.04
CA MET B 360 -9.22 15.62 25.33
C MET B 360 -8.23 16.58 25.93
N PRO B 361 -8.52 17.05 27.11
CA PRO B 361 -7.62 17.96 27.80
C PRO B 361 -6.48 17.25 28.44
N MET B 362 -5.51 18.01 28.88
CA MET B 362 -4.37 17.43 29.52
C MET B 362 -4.09 18.03 30.85
N LEU B 363 -3.24 17.39 31.61
CA LEU B 363 -2.86 17.81 32.93
C LEU B 363 -1.68 18.77 32.94
N THR B 364 -1.58 19.67 31.99
CA THR B 364 -0.49 20.62 31.89
C THR B 364 -0.09 21.33 33.14
N GLY B 365 1.23 21.47 33.28
CA GLY B 365 1.77 22.26 34.37
C GLY B 365 2.61 21.41 35.33
N ASN B 366 2.44 21.73 36.63
CA ASN B 366 3.11 21.06 37.73
C ASN B 366 2.43 19.75 38.07
N LYS B 367 1.31 19.46 37.45
CA LYS B 367 0.72 18.18 37.76
C LYS B 367 1.08 17.10 36.75
N SER B 368 1.58 17.50 35.60
CA SER B 368 1.90 16.59 34.51
C SER B 368 3.11 15.70 34.83
N ILE B 369 3.40 14.82 33.89
CA ILE B 369 4.54 13.91 33.95
C ILE B 369 5.68 14.53 33.16
N LYS B 370 6.83 14.72 33.82
CA LYS B 370 7.94 15.44 33.20
C LYS B 370 8.78 14.57 32.26
N SER B 371 8.90 13.28 32.54
CA SER B 371 9.69 12.41 31.69
C SER B 371 8.97 12.11 30.38
N GLU B 372 9.73 12.04 29.29
CA GLU B 372 9.13 11.72 28.00
C GLU B 372 8.77 10.24 27.89
N GLU B 373 9.40 9.37 28.68
CA GLU B 373 9.27 7.93 28.54
C GLU B 373 8.76 7.32 29.84
N VAL B 374 7.75 6.45 29.72
CA VAL B 374 7.26 5.66 30.84
C VAL B 374 7.12 4.22 30.36
N TYR B 375 6.89 3.32 31.30
CA TYR B 375 6.81 1.90 30.97
C TYR B 375 5.50 1.33 31.49
N ALA B 376 5.10 0.20 30.91
CA ALA B 376 3.89 -0.49 31.33
C ALA B 376 4.01 -1.95 30.88
N GLY B 377 3.04 -2.77 31.29
CA GLY B 377 3.16 -4.20 31.12
C GLY B 377 2.53 -4.78 29.88
N HIS B 378 2.02 -3.95 28.97
CA HIS B 378 1.30 -4.41 27.80
C HIS B 378 1.54 -3.41 26.66
N PRO B 379 1.55 -3.86 25.41
CA PRO B 379 1.85 -2.93 24.30
C PRO B 379 0.71 -1.97 23.95
N VAL B 380 -0.53 -2.25 24.36
CA VAL B 380 -1.67 -1.41 24.04
C VAL B 380 -2.40 -1.16 25.35
N LEU B 381 -2.33 0.06 25.86
CA LEU B 381 -2.94 0.41 27.13
C LEU B 381 -4.26 1.11 26.85
N LEU B 382 -5.36 0.48 27.21
CA LEU B 382 -6.66 1.13 27.06
C LEU B 382 -6.96 1.96 28.31
N ASN B 383 -7.90 2.90 28.17
CA ASN B 383 -8.36 3.65 29.34
C ASN B 383 -9.22 2.72 30.17
N MET B 384 -8.93 2.64 31.48
CA MET B 384 -9.69 1.77 32.35
C MET B 384 -9.99 2.48 33.67
N GLY B 385 -11.06 2.03 34.30
CA GLY B 385 -11.44 2.40 35.64
C GLY B 385 -12.36 1.31 36.19
N SER B 386 -12.96 1.59 37.35
CA SER B 386 -13.86 0.61 37.93
C SER B 386 -14.82 1.30 38.90
N ALA B 387 -16.02 0.74 39.02
CA ALA B 387 -17.03 1.24 39.93
C ALA B 387 -17.31 0.18 40.98
N LEU B 388 -17.40 0.62 42.24
CA LEU B 388 -17.66 -0.28 43.37
C LEU B 388 -19.17 -0.33 43.63
N VAL B 389 -19.73 -1.53 43.63
CA VAL B 389 -21.16 -1.72 43.85
C VAL B 389 -21.38 -2.36 45.22
N LYS B 390 -22.11 -1.66 46.09
CA LYS B 390 -22.38 -2.17 47.42
C LYS B 390 -23.16 -3.48 47.37
N ASP B 391 -22.80 -4.42 48.24
CA ASP B 391 -23.38 -5.75 48.27
C ASP B 391 -23.59 -6.20 49.73
N GLY B 392 -24.43 -5.47 50.45
CA GLY B 392 -24.81 -5.84 51.80
C GLY B 392 -23.65 -6.11 52.73
N VAL B 393 -23.63 -7.32 53.30
CA VAL B 393 -22.61 -7.70 54.27
C VAL B 393 -21.35 -8.24 53.61
N ASN B 394 -21.30 -8.29 52.28
CA ASN B 394 -20.14 -8.80 51.55
C ASN B 394 -19.23 -7.64 51.12
N LEU B 395 -18.09 -8.00 50.56
CA LEU B 395 -17.22 -6.99 49.97
C LEU B 395 -17.91 -6.42 48.73
N PRO B 396 -17.68 -5.14 48.43
CA PRO B 396 -18.33 -4.56 47.26
C PRO B 396 -17.79 -5.19 45.98
N MET B 397 -18.68 -5.35 45.01
CA MET B 397 -18.27 -5.84 43.71
C MET B 397 -17.56 -4.72 42.96
N GLU B 398 -16.57 -5.09 42.17
CA GLU B 398 -15.80 -4.12 41.39
C GLU B 398 -16.14 -4.36 39.92
N ASN B 399 -16.79 -3.37 39.30
CA ASN B 399 -17.17 -3.46 37.90
C ASN B 399 -16.16 -2.65 37.09
N VAL B 400 -15.29 -3.35 36.37
CA VAL B 400 -14.27 -2.68 35.57
C VAL B 400 -14.90 -2.02 34.35
N ALA B 401 -14.35 -0.87 33.95
CA ALA B 401 -14.80 -0.15 32.77
C ALA B 401 -13.64 0.03 31.81
N PHE B 402 -13.92 -0.13 30.52
CA PHE B 402 -12.94 0.04 29.46
C PHE B 402 -13.40 1.15 28.53
N ASN B 403 -12.45 1.96 28.05
CA ASN B 403 -12.78 2.99 27.08
C ASN B 403 -11.64 3.16 26.08
N THR B 404 -12.00 3.68 24.90
CA THR B 404 -11.04 3.93 23.84
C THR B 404 -10.79 5.42 23.62
N ASP B 405 -11.18 6.26 24.58
CA ASP B 405 -10.94 7.69 24.43
C ASP B 405 -9.47 8.05 24.64
N ILE B 406 -8.72 7.20 25.35
CA ILE B 406 -7.27 7.27 25.40
C ILE B 406 -6.73 5.86 25.22
N ILE B 407 -5.82 5.68 24.27
CA ILE B 407 -5.15 4.40 24.03
C ILE B 407 -3.66 4.68 23.89
N ASN B 408 -2.86 4.10 24.78
CA ASN B 408 -1.41 4.28 24.72
C ASN B 408 -0.81 3.10 23.96
N PHE B 409 -0.07 3.40 22.89
CA PHE B 409 0.60 2.40 22.08
C PHE B 409 2.11 2.46 22.32
N THR B 410 2.75 1.29 22.43
CA THR B 410 4.19 1.25 22.43
C THR B 410 4.69 1.36 20.99
N GLY B 411 6.01 1.29 20.79
CA GLY B 411 6.56 1.33 19.47
C GLY B 411 6.22 0.07 18.69
N GLU B 412 6.46 0.13 17.38
CA GLU B 412 6.25 -1.02 16.51
C GLU B 412 7.01 -2.23 17.04
N CYS B 413 6.33 -3.36 17.15
CA CYS B 413 6.96 -4.61 17.59
C CYS B 413 5.95 -5.73 17.39
N LYS B 414 6.42 -6.96 17.57
CA LYS B 414 5.54 -8.09 17.27
C LYS B 414 4.35 -8.14 18.22
N ASP B 415 4.55 -7.81 19.50
CA ASP B 415 3.46 -7.88 20.47
C ASP B 415 2.40 -6.83 20.21
N ARG B 416 2.81 -5.60 19.90
CA ARG B 416 1.83 -4.57 19.55
C ARG B 416 1.02 -4.99 18.33
N SER B 417 1.66 -5.65 17.36
CA SER B 417 0.95 -6.06 16.16
C SER B 417 -0.09 -7.14 16.46
N ILE B 418 0.20 -8.04 17.41
CA ILE B 418 -0.76 -9.07 17.80
C ILE B 418 -2.01 -8.42 18.40
N ALA B 419 -1.81 -7.55 19.39
CA ALA B 419 -2.96 -6.96 20.09
C ALA B 419 -3.82 -6.14 19.15
N ILE B 420 -3.19 -5.38 18.26
CA ILE B 420 -3.91 -4.56 17.30
C ILE B 420 -4.70 -5.44 16.35
N LYS B 421 -4.05 -6.48 15.82
CA LYS B 421 -4.70 -7.38 14.87
C LYS B 421 -5.91 -8.05 15.49
N ARG B 422 -5.78 -8.47 16.75
CA ARG B 422 -6.89 -9.06 17.47
C ARG B 422 -8.06 -8.08 17.53
N ILE B 423 -7.78 -6.80 17.79
CA ILE B 423 -8.86 -5.82 17.78
C ILE B 423 -9.40 -5.63 16.36
N ALA B 424 -8.51 -5.40 15.40
CA ALA B 424 -8.94 -5.12 14.03
C ALA B 424 -9.79 -6.27 13.48
N GLN B 425 -9.39 -7.52 13.72
CA GLN B 425 -10.18 -8.64 13.25
C GLN B 425 -11.57 -8.65 13.88
N SER B 426 -11.65 -8.23 15.14
CA SER B 426 -12.93 -8.17 15.84
C SER B 426 -13.88 -7.16 15.19
N LEU B 427 -13.38 -5.94 14.96
CA LEU B 427 -14.22 -4.89 14.40
C LEU B 427 -14.64 -5.24 12.96
N ILE B 428 -13.70 -5.75 12.15
CA ILE B 428 -14.03 -6.17 10.79
C ILE B 428 -15.10 -7.24 10.82
N GLY B 429 -15.03 -8.16 11.77
CA GLY B 429 -16.03 -9.20 11.88
C GLY B 429 -17.40 -8.67 12.28
N ASN B 430 -17.45 -7.62 13.09
CA ASN B 430 -18.74 -7.03 13.46
C ASN B 430 -19.44 -6.43 12.26
N TYR B 431 -18.68 -5.83 11.34
CA TYR B 431 -19.25 -5.21 10.16
C TYR B 431 -19.68 -6.25 9.12
N LEU B 432 -19.01 -7.40 9.07
CA LEU B 432 -19.39 -8.43 8.12
C LEU B 432 -20.56 -9.29 8.60
N HIS B 433 -20.97 -9.16 9.87
CA HIS B 433 -22.02 -10.00 10.46
C HIS B 433 -22.97 -9.16 11.30
N VAL B 434 -23.55 -8.12 10.69
CA VAL B 434 -24.37 -7.18 11.45
C VAL B 434 -25.54 -7.90 12.12
N THR B 435 -26.31 -8.68 11.35
CA THR B 435 -27.50 -9.26 11.95
C THR B 435 -27.16 -10.32 12.99
N GLU B 436 -26.03 -11.02 12.83
CA GLU B 436 -25.70 -12.01 13.84
C GLU B 436 -25.21 -11.35 15.13
N ARG B 437 -24.56 -10.19 15.01
CA ARG B 437 -24.12 -9.51 16.23
C ARG B 437 -25.29 -8.92 17.00
N ILE B 438 -26.27 -8.35 16.28
CA ILE B 438 -27.50 -7.87 16.92
C ILE B 438 -28.24 -9.02 17.59
N SER B 439 -28.31 -10.14 16.94
CA SER B 439 -29.00 -11.26 17.46
C SER B 439 -28.43 -11.74 18.74
N LYS B 440 -27.13 -11.88 18.80
CA LYS B 440 -26.42 -12.36 19.99
C LYS B 440 -26.05 -11.24 20.95
N SER B 441 -26.49 -10.01 20.68
CA SER B 441 -26.07 -8.88 21.49
C SER B 441 -26.61 -8.98 22.91
N GLY B 442 -25.75 -8.69 23.87
CA GLY B 442 -26.20 -8.47 25.22
C GLY B 442 -26.67 -7.06 25.49
N ASN B 443 -26.65 -6.19 24.49
CA ASN B 443 -27.10 -4.82 24.69
C ASN B 443 -28.63 -4.79 24.73
N PRO B 444 -29.23 -4.18 25.77
CA PRO B 444 -30.70 -4.21 25.86
C PRO B 444 -31.40 -3.51 24.71
N GLU B 445 -30.87 -2.37 24.24
CA GLU B 445 -31.53 -1.70 23.14
C GLU B 445 -31.43 -2.52 21.86
N LEU B 446 -30.36 -3.28 21.69
CA LEU B 446 -30.25 -4.12 20.51
C LEU B 446 -31.15 -5.35 20.63
N LYS B 447 -31.39 -5.82 21.86
CA LYS B 447 -32.33 -6.91 22.05
C LYS B 447 -33.74 -6.48 21.70
N ARG B 448 -34.11 -5.25 22.06
CA ARG B 448 -35.41 -4.71 21.69
C ARG B 448 -35.52 -4.58 20.18
N LEU B 449 -34.43 -4.18 19.53
CA LEU B 449 -34.48 -4.01 18.08
C LEU B 449 -34.72 -5.34 17.38
N GLY B 450 -34.16 -6.43 17.92
CA GLY B 450 -34.34 -7.72 17.30
C GLY B 450 -35.77 -8.24 17.35
N LEU B 451 -36.61 -7.68 18.22
CA LEU B 451 -38.01 -8.09 18.29
C LEU B 451 -38.93 -7.13 17.58
N MET B 452 -38.39 -6.06 16.95
CA MET B 452 -39.32 -5.14 16.35
C MET B 452 -39.76 -5.65 14.98
N PRO B 453 -41.05 -5.55 14.66
CA PRO B 453 -41.52 -6.01 13.34
C PRO B 453 -40.89 -5.24 12.20
N GLY B 454 -40.66 -3.95 12.36
CA GLY B 454 -39.95 -3.20 11.32
C GLY B 454 -38.56 -3.72 11.06
N TYR B 455 -37.87 -4.23 12.09
CA TYR B 455 -36.56 -4.83 11.90
C TYR B 455 -36.66 -6.16 11.17
N HIS B 456 -37.63 -6.99 11.56
CA HIS B 456 -37.88 -8.27 10.89
C HIS B 456 -38.21 -8.04 9.43
N GLN B 457 -39.06 -7.06 9.16
CA GLN B 457 -39.42 -6.75 7.79
C GLN B 457 -38.19 -6.29 7.00
N LEU B 458 -37.37 -5.43 7.61
CA LEU B 458 -36.16 -4.96 6.94
C LEU B 458 -35.25 -6.13 6.56
N LEU B 459 -35.06 -7.08 7.47
CA LEU B 459 -34.25 -8.26 7.17
C LEU B 459 -34.85 -9.04 6.01
N LYS B 460 -36.18 -9.15 5.97
CA LYS B 460 -36.83 -9.90 4.89
C LYS B 460 -36.61 -9.24 3.54
N ASP B 461 -36.75 -7.91 3.47
CA ASP B 461 -36.44 -7.20 2.23
C ASP B 461 -35.04 -7.55 1.73
N CYS B 462 -34.06 -7.57 2.66
CA CYS B 462 -32.68 -7.81 2.27
C CYS B 462 -32.49 -9.23 1.73
N GLU B 463 -33.17 -10.21 2.31
CA GLU B 463 -33.06 -11.58 1.81
C GLU B 463 -33.82 -11.76 0.50
N GLU B 464 -34.98 -11.11 0.37
CA GLU B 464 -35.73 -11.25 -0.87
C GLU B 464 -35.09 -10.51 -2.04
N ASN B 465 -34.39 -9.41 -1.79
CA ASN B 465 -33.71 -8.66 -2.82
C ASN B 465 -32.24 -9.01 -2.95
N ASN B 466 -31.74 -9.89 -2.08
CA ASN B 466 -30.39 -10.44 -2.13
C ASN B 466 -29.33 -9.36 -1.97
N ASN B 467 -29.49 -8.51 -0.96
CA ASN B 467 -28.48 -7.52 -0.61
C ASN B 467 -28.23 -7.62 0.89
N LYS B 468 -26.96 -7.59 1.27
CA LYS B 468 -26.62 -7.74 2.68
C LYS B 468 -27.02 -6.48 3.44
N LEU B 469 -27.38 -6.66 4.71
CA LEU B 469 -27.76 -5.53 5.55
C LEU B 469 -26.48 -4.92 6.09
N SER B 470 -26.14 -3.74 5.65
CA SER B 470 -24.97 -3.08 6.15
C SER B 470 -25.32 -2.22 7.33
N LEU B 471 -24.34 -1.93 8.15
CA LEU B 471 -24.54 -1.13 9.30
C LEU B 471 -25.08 0.24 8.99
N PRO B 472 -24.63 0.89 7.96
CA PRO B 472 -25.17 2.21 7.61
C PRO B 472 -26.57 2.07 7.11
N MET B 473 -26.91 0.99 6.43
CA MET B 473 -28.26 0.81 5.96
C MET B 473 -29.18 0.71 7.14
N LEU B 474 -28.79 -0.05 8.14
CA LEU B 474 -29.57 -0.17 9.31
C LEU B 474 -29.79 1.18 9.96
N ARG B 475 -28.74 1.94 10.18
CA ARG B 475 -28.86 3.24 10.77
C ARG B 475 -29.77 4.12 9.97
N LYS B 476 -29.60 4.13 8.66
CA LYS B 476 -30.45 4.95 7.82
C LYS B 476 -31.93 4.56 7.93
N ALA B 477 -32.22 3.28 7.91
CA ALA B 477 -33.56 2.79 8.02
C ALA B 477 -34.20 3.20 9.31
N LEU B 478 -33.46 3.15 10.42
CA LEU B 478 -34.01 3.52 11.68
C LEU B 478 -34.32 4.99 11.74
N THR B 479 -33.50 5.80 11.10
CA THR B 479 -33.67 7.22 11.09
C THR B 479 -34.94 7.58 10.39
N GLN B 480 -35.22 6.94 9.30
CA GLN B 480 -36.43 7.20 8.55
C GLN B 480 -37.69 6.61 9.16
N ALA B 481 -37.51 5.65 10.05
CA ALA B 481 -38.57 5.14 10.83
C ALA B 481 -38.96 6.05 11.96
N HIS B 482 -38.02 6.75 12.53
CA HIS B 482 -38.33 7.69 13.60
C HIS B 482 -38.64 9.09 13.07
N SER B 483 -38.87 9.24 11.77
CA SER B 483 -39.17 10.55 11.21
C SER B 483 -40.65 10.93 11.29
N ASN B 484 -41.54 9.99 11.61
CA ASN B 484 -42.93 10.32 11.86
C ASN B 484 -43.53 9.26 12.78
N LEU B 485 -44.56 9.67 13.52
CA LEU B 485 -45.10 8.77 14.54
C LEU B 485 -45.67 7.49 13.94
N SER B 486 -46.19 7.56 12.72
CA SER B 486 -46.85 6.39 12.13
C SER B 486 -45.81 5.32 11.76
N SER B 487 -44.78 5.69 10.99
CA SER B 487 -43.68 4.76 10.71
C SER B 487 -43.04 4.27 11.99
N TYR B 488 -42.88 5.17 12.97
CA TYR B 488 -42.29 4.75 14.24
C TYR B 488 -43.10 3.63 14.88
N VAL B 489 -44.42 3.84 15.03
CA VAL B 489 -45.25 2.82 15.65
C VAL B 489 -45.27 1.56 14.80
N ARG B 490 -45.35 1.73 13.52
CA ARG B 490 -45.36 0.61 12.66
C ARG B 490 -44.07 -0.17 12.76
N PHE B 491 -42.95 0.54 12.88
CA PHE B 491 -41.65 -0.10 12.99
C PHE B 491 -41.49 -0.86 14.26
N ILE B 492 -41.82 -0.26 15.38
CA ILE B 492 -41.63 -0.95 16.64
C ILE B 492 -42.74 -1.87 17.05
N GLY B 493 -43.87 -1.79 16.41
CA GLY B 493 -44.99 -2.62 16.75
C GLY B 493 -45.94 -1.96 17.72
N VAL B 494 -47.20 -2.32 17.65
CA VAL B 494 -48.17 -1.73 18.53
C VAL B 494 -48.01 -2.26 19.90
N GLN B 495 -47.60 -3.50 20.04
CA GLN B 495 -47.43 -4.09 21.34
C GLN B 495 -46.37 -3.37 22.11
N ARG B 496 -45.26 -3.05 21.48
CA ARG B 496 -44.22 -2.34 22.15
C ARG B 496 -44.61 -0.90 22.35
N PHE B 497 -45.35 -0.34 21.42
CA PHE B 497 -45.77 1.04 21.55
C PHE B 497 -46.76 1.19 22.66
N ALA B 498 -47.63 0.24 22.81
CA ALA B 498 -48.61 0.29 23.86
C ALA B 498 -47.98 0.18 25.23
N GLU B 499 -47.05 -0.73 25.39
CA GLU B 499 -46.37 -0.89 26.65
C GLU B 499 -45.57 0.33 27.05
N MET B 500 -44.99 1.03 26.10
CA MET B 500 -44.22 2.20 26.41
C MET B 500 -45.10 3.33 26.82
N VAL B 501 -46.25 3.47 26.18
CA VAL B 501 -47.12 4.56 26.53
C VAL B 501 -48.04 4.31 27.72
N GLY B 502 -47.95 3.14 28.33
CA GLY B 502 -48.71 2.84 29.51
C GLY B 502 -50.07 2.26 29.27
N ALA B 503 -50.30 1.78 28.08
CA ALA B 503 -51.60 1.20 27.75
C ALA B 503 -51.42 -0.16 27.08
N PRO B 504 -50.84 -1.13 27.80
CA PRO B 504 -50.58 -2.44 27.15
C PRO B 504 -51.83 -3.10 26.59
N GLU B 505 -52.98 -2.93 27.26
CA GLU B 505 -54.24 -3.52 26.81
C GLU B 505 -54.81 -2.84 25.57
N ASP B 506 -54.30 -1.68 25.20
CA ASP B 506 -54.80 -0.91 24.06
C ASP B 506 -54.02 -1.16 22.78
N ALA B 507 -53.07 -2.10 22.79
CA ALA B 507 -52.38 -2.47 21.56
C ALA B 507 -53.32 -2.86 20.42
N PRO B 508 -54.39 -3.64 20.63
CA PRO B 508 -55.33 -3.91 19.53
C PRO B 508 -56.01 -2.65 19.00
N LEU B 509 -56.33 -1.71 19.89
CA LEU B 509 -56.92 -0.45 19.44
C LEU B 509 -55.95 0.32 18.57
N PHE B 510 -54.69 0.39 18.98
CA PHE B 510 -53.69 1.11 18.20
C PHE B 510 -53.51 0.47 16.83
N GLN B 511 -53.58 -0.87 16.77
CA GLN B 511 -53.45 -1.56 15.48
C GLN B 511 -54.54 -1.11 14.51
N GLU B 512 -55.80 -1.07 14.97
CA GLU B 512 -56.89 -0.64 14.12
C GLU B 512 -56.73 0.81 13.71
N ALA B 513 -56.46 1.67 14.68
CA ALA B 513 -56.16 3.07 14.36
C ALA B 513 -55.01 3.15 13.37
N LEU B 514 -53.97 2.33 13.57
CA LEU B 514 -52.84 2.30 12.64
C LEU B 514 -53.29 1.96 11.22
N GLN B 515 -53.91 0.78 11.03
CA GLN B 515 -54.34 0.40 9.68
C GLN B 515 -55.36 1.38 9.14
N GLN B 516 -56.37 1.75 9.93
CA GLN B 516 -57.38 2.61 9.33
C GLN B 516 -56.91 4.04 9.19
N GLY B 517 -55.67 4.33 9.59
CA GLY B 517 -55.13 5.65 9.37
C GLY B 517 -55.66 6.69 10.34
N ASN B 518 -55.96 6.28 11.58
CA ASN B 518 -56.53 7.17 12.58
C ASN B 518 -55.39 7.63 13.48
N THR B 519 -54.61 8.59 12.98
CA THR B 519 -53.33 8.90 13.60
C THR B 519 -53.47 9.67 14.90
N ILE B 520 -54.57 10.40 15.11
CA ILE B 520 -54.73 11.18 16.31
C ILE B 520 -54.76 10.28 17.55
N VAL B 521 -55.15 9.02 17.39
CA VAL B 521 -55.11 8.11 18.54
C VAL B 521 -53.68 7.85 18.95
N LEU B 522 -52.79 7.63 17.97
CA LEU B 522 -51.37 7.45 18.26
C LEU B 522 -50.78 8.71 18.88
N THR B 523 -51.03 9.86 18.26
CA THR B 523 -50.62 11.16 18.81
C THR B 523 -51.01 11.28 20.28
N ASN B 524 -52.31 11.22 20.56
CA ASN B 524 -52.79 11.51 21.91
C ASN B 524 -52.33 10.46 22.92
N ALA B 525 -52.28 9.18 22.51
CA ALA B 525 -51.83 8.15 23.45
C ALA B 525 -50.38 8.41 23.89
N LEU B 526 -49.51 8.84 22.97
CA LEU B 526 -48.11 9.06 23.33
C LEU B 526 -47.97 10.33 24.17
N VAL B 527 -48.63 11.43 23.75
CA VAL B 527 -48.58 12.66 24.53
C VAL B 527 -49.17 12.44 25.91
N ALA B 528 -50.24 11.63 26.01
CA ALA B 528 -50.84 11.37 27.30
C ALA B 528 -49.87 10.69 28.25
N TYR B 529 -48.99 9.84 27.72
CA TYR B 529 -47.94 9.25 28.54
C TYR B 529 -46.89 10.29 28.92
N LEU B 530 -46.69 11.29 28.06
CA LEU B 530 -45.69 12.31 28.34
C LEU B 530 -46.17 13.29 29.41
N VAL B 531 -47.37 13.85 29.23
CA VAL B 531 -47.89 14.89 30.11
C VAL B 531 -48.77 14.27 31.19
N HIS B 532 -48.44 13.04 31.57
CA HIS B 532 -49.03 12.30 32.69
C HIS B 532 -50.54 12.13 32.67
N GLY B 533 -51.20 12.47 31.58
CA GLY B 533 -52.63 12.24 31.53
C GLY B 533 -53.34 12.88 30.36
N MET B 534 -54.37 12.19 29.87
CA MET B 534 -55.18 12.76 28.78
C MET B 534 -55.84 14.05 29.23
N ASP B 535 -56.15 14.17 30.54
CA ASP B 535 -56.64 15.42 31.09
C ASP B 535 -55.73 16.57 30.70
N ASN B 536 -54.41 16.37 30.85
CA ASN B 536 -53.44 17.40 30.50
C ASN B 536 -53.33 17.61 29.00
N VAL B 537 -53.59 16.57 28.18
CA VAL B 537 -53.39 16.66 26.74
C VAL B 537 -54.34 17.67 26.11
N SER B 538 -55.53 17.85 26.69
CA SER B 538 -56.54 18.62 25.97
C SER B 538 -56.23 20.11 25.92
N ARG B 539 -55.39 20.63 26.79
CA ARG B 539 -55.11 22.05 26.67
C ARG B 539 -53.91 22.37 25.77
N LEU B 540 -53.45 21.42 24.98
CA LEU B 540 -52.36 21.72 24.09
C LEU B 540 -52.88 21.70 22.70
N ASN B 541 -52.32 22.54 21.86
CA ASN B 541 -52.81 22.67 20.50
C ASN B 541 -52.02 21.73 19.61
N SER B 542 -52.29 21.78 18.30
CA SER B 542 -51.60 20.93 17.35
C SER B 542 -50.09 21.08 17.43
N SER B 543 -49.61 22.32 17.50
CA SER B 543 -48.20 22.57 17.29
C SER B 543 -47.35 22.06 18.44
N GLU B 544 -47.85 22.15 19.64
CA GLU B 544 -47.01 21.80 20.73
C GLU B 544 -46.69 20.34 20.80
N LYS B 545 -47.72 19.54 20.62
CA LYS B 545 -47.54 18.11 20.71
C LYS B 545 -46.73 17.64 19.55
N GLU B 546 -46.87 18.32 18.47
CA GLU B 546 -46.07 17.93 17.33
C GLU B 546 -44.58 18.18 17.63
N ASN B 547 -44.27 19.11 18.55
CA ASN B 547 -42.89 19.31 18.97
C ASN B 547 -42.48 18.43 20.15
N LEU B 548 -43.42 17.99 20.99
CA LEU B 548 -43.04 16.98 21.97
C LEU B 548 -42.90 15.60 21.35
N ILE B 549 -43.60 15.33 20.24
CA ILE B 549 -43.45 14.05 19.57
C ILE B 549 -42.11 13.98 18.85
N LYS B 550 -41.65 15.11 18.30
CA LYS B 550 -40.33 15.11 17.64
C LYS B 550 -39.22 14.86 18.63
N LYS B 551 -39.27 15.51 19.79
CA LYS B 551 -38.24 15.28 20.81
C LYS B 551 -38.23 13.83 21.26
N TYR B 552 -39.41 13.27 21.48
CA TYR B 552 -39.50 11.89 21.94
C TYR B 552 -39.00 10.90 20.88
N LEU B 553 -39.34 11.13 19.62
CA LEU B 553 -38.88 10.24 18.58
C LEU B 553 -37.35 10.31 18.46
N GLY B 554 -36.79 11.52 18.51
CA GLY B 554 -35.34 11.66 18.48
C GLY B 554 -34.66 10.98 19.66
N THR B 555 -35.25 11.08 20.86
CA THR B 555 -34.66 10.40 22.01
C THR B 555 -34.68 8.88 21.82
N GLN B 556 -35.77 8.33 21.29
CA GLN B 556 -35.81 6.88 21.06
C GLN B 556 -34.84 6.46 19.97
N LEU B 557 -34.69 7.30 18.95
CA LEU B 557 -33.74 7.01 17.88
C LEU B 557 -32.31 6.98 18.42
N SER B 558 -31.97 7.94 19.29
CA SER B 558 -30.63 8.00 19.85
C SER B 558 -30.29 6.74 20.64
N LEU B 559 -31.28 6.22 21.38
CA LEU B 559 -31.07 5.02 22.18
C LEU B 559 -30.67 3.84 21.32
N LEU B 560 -31.12 3.80 20.07
CA LEU B 560 -30.67 2.74 19.17
C LEU B 560 -29.44 3.14 18.37
N TYR B 561 -29.31 4.43 18.03
CA TYR B 561 -28.18 4.86 17.21
C TYR B 561 -26.86 4.67 17.96
N LYS B 562 -26.81 5.09 19.23
CA LYS B 562 -25.58 4.99 20.00
C LYS B 562 -24.99 3.57 20.03
N PRO B 563 -25.75 2.51 20.33
CA PRO B 563 -25.15 1.17 20.22
C PRO B 563 -24.81 0.78 18.79
N LEU B 564 -25.51 1.33 17.80
CA LEU B 564 -25.19 1.02 16.41
C LEU B 564 -23.87 1.65 15.96
N VAL B 565 -23.17 2.32 16.86
CA VAL B 565 -21.77 2.69 16.68
C VAL B 565 -20.89 2.04 17.73
N MET B 566 -21.27 2.17 19.00
CA MET B 566 -20.39 1.72 20.08
C MET B 566 -20.21 0.20 20.11
N GLU B 567 -21.25 -0.56 19.75
CA GLU B 567 -21.20 -2.02 19.82
C GLU B 567 -20.50 -2.67 18.63
N PHE B 568 -20.23 -1.93 17.56
CA PHE B 568 -19.63 -2.48 16.36
C PHE B 568 -18.21 -1.97 16.12
N SER B 569 -17.98 -0.67 16.26
CA SER B 569 -16.64 -0.13 16.11
C SER B 569 -16.11 0.47 17.40
N GLY B 570 -16.97 0.85 18.34
CA GLY B 570 -16.58 1.62 19.51
C GLY B 570 -16.12 0.79 20.70
N PRO B 571 -16.09 1.42 21.89
CA PRO B 571 -15.54 0.75 23.06
C PRO B 571 -16.32 -0.48 23.51
N CYS B 572 -17.63 -0.53 23.31
CA CYS B 572 -18.36 -1.75 23.68
C CYS B 572 -17.92 -2.92 22.81
N ALA B 573 -17.63 -2.68 21.53
CA ALA B 573 -17.07 -3.72 20.68
C ALA B 573 -15.68 -4.15 21.16
N VAL B 574 -14.86 -3.20 21.59
CA VAL B 574 -13.52 -3.54 22.06
C VAL B 574 -13.60 -4.30 23.40
N THR B 575 -14.50 -3.86 24.27
CA THR B 575 -14.72 -4.56 25.55
C THR B 575 -15.15 -6.01 25.33
N ARG B 576 -15.97 -6.27 24.32
CA ARG B 576 -16.37 -7.64 24.03
C ARG B 576 -15.16 -8.50 23.69
N GLU B 577 -14.14 -7.91 23.09
CA GLU B 577 -12.91 -8.65 22.79
C GLU B 577 -12.04 -8.86 24.01
N ILE B 578 -12.30 -8.14 25.10
CA ILE B 578 -11.44 -8.15 26.28
C ILE B 578 -12.00 -9.05 27.37
N LEU B 579 -13.33 -9.06 27.52
CA LEU B 579 -14.06 -9.74 28.59
C LEU B 579 -13.66 -11.19 28.82
N PRO B 580 -13.28 -11.97 27.79
CA PRO B 580 -12.73 -13.31 28.05
C PRO B 580 -11.64 -13.34 29.11
N LEU B 581 -10.88 -12.25 29.26
CA LEU B 581 -9.86 -12.18 30.31
C LEU B 581 -10.46 -12.23 31.71
N LEU B 582 -11.72 -11.91 31.85
CA LEU B 582 -12.27 -11.85 33.19
C LEU B 582 -12.86 -13.20 33.61
N PRO B 583 -12.78 -13.52 34.90
CA PRO B 583 -12.86 -14.93 35.35
C PRO B 583 -14.23 -15.61 35.21
N THR B 584 -15.26 -14.90 34.80
CA THR B 584 -16.56 -15.51 34.55
C THR B 584 -17.01 -16.68 35.39
N GLY B 585 -16.48 -16.80 36.59
CA GLY B 585 -17.07 -17.57 37.68
C GLY B 585 -17.65 -16.84 38.89
N GLU B 586 -16.81 -16.16 39.64
CA GLU B 586 -17.37 -15.31 40.67
C GLU B 586 -17.09 -13.86 40.41
N PRO B 587 -18.06 -13.02 40.69
CA PRO B 587 -17.85 -11.58 40.53
C PRO B 587 -16.49 -11.17 41.09
N THR B 588 -15.94 -10.10 40.54
CA THR B 588 -14.71 -9.54 41.05
C THR B 588 -15.04 -8.60 42.21
N ARG B 589 -14.43 -8.84 43.37
CA ARG B 589 -14.63 -7.99 44.53
C ARG B 589 -13.37 -7.21 44.84
N TYR B 590 -13.54 -6.00 45.38
CA TYR B 590 -12.41 -5.17 45.74
C TYR B 590 -11.88 -5.59 47.11
N ILE B 591 -10.64 -6.09 47.12
CA ILE B 591 -9.91 -6.40 48.34
C ILE B 591 -8.82 -5.36 48.48
N GLU B 592 -8.82 -4.64 49.61
CA GLU B 592 -8.03 -3.43 49.72
C GLU B 592 -6.57 -3.70 50.08
N ASN B 593 -6.29 -4.77 50.82
CA ASN B 593 -4.96 -4.99 51.38
C ASN B 593 -4.53 -6.45 51.26
N LEU B 594 -4.64 -7.01 50.06
CA LEU B 594 -4.01 -8.29 49.80
C LEU B 594 -2.50 -8.13 49.86
N LYS B 595 -1.82 -9.09 50.51
CA LYS B 595 -0.36 -9.06 50.49
C LYS B 595 0.16 -9.15 49.07
N GLN B 596 -0.46 -9.98 48.24
CA GLN B 596 -0.10 -10.10 46.83
C GLN B 596 -1.25 -9.59 45.97
N PRO B 597 -1.30 -8.28 45.68
CA PRO B 597 -2.40 -7.77 44.83
C PRO B 597 -2.39 -8.34 43.43
N ASP B 598 -1.24 -8.78 42.92
CA ASP B 598 -1.20 -9.38 41.59
C ASP B 598 -1.86 -10.76 41.56
N ALA B 599 -2.56 -11.11 42.64
CA ALA B 599 -3.41 -12.29 42.60
C ALA B 599 -4.75 -12.01 41.95
N GLN B 600 -5.14 -10.74 41.82
CA GLN B 600 -6.42 -10.34 41.26
C GLN B 600 -6.22 -9.65 39.92
N ILE B 601 -6.99 -10.07 38.90
CA ILE B 601 -6.78 -9.60 37.54
C ILE B 601 -7.00 -8.10 37.42
N LEU B 602 -7.98 -7.55 38.16
CA LEU B 602 -8.24 -6.12 38.04
C LEU B 602 -7.07 -5.30 38.58
N ARG B 603 -6.40 -5.78 39.63
CA ARG B 603 -5.21 -5.10 40.12
C ARG B 603 -4.05 -5.25 39.16
N VAL B 604 -3.97 -6.37 38.42
CA VAL B 604 -2.99 -6.51 37.37
C VAL B 604 -3.29 -5.54 36.22
N LEU B 605 -4.56 -5.44 35.82
CA LEU B 605 -4.92 -4.47 34.80
C LEU B 605 -4.64 -3.05 35.28
N GLN B 606 -5.03 -2.73 36.52
CA GLN B 606 -4.89 -1.35 36.95
C GLN B 606 -3.43 -0.89 36.93
N THR B 607 -2.53 -1.75 37.38
CA THR B 607 -1.12 -1.38 37.52
C THR B 607 -0.32 -1.53 36.23
N HIS B 608 -0.70 -2.47 35.36
CA HIS B 608 0.19 -2.88 34.29
C HIS B 608 -0.37 -2.75 32.88
N ALA B 609 -1.68 -2.60 32.68
CA ALA B 609 -2.21 -2.66 31.32
C ALA B 609 -3.17 -1.53 30.99
N CYS B 610 -3.11 -0.40 31.69
CA CYS B 610 -4.02 0.70 31.41
C CYS B 610 -3.23 2.02 31.42
N VAL B 611 -3.88 3.09 30.95
CA VAL B 611 -3.16 4.35 30.77
C VAL B 611 -3.03 5.18 32.04
N ALA B 612 -3.70 4.78 33.13
CA ALA B 612 -3.68 5.57 34.36
C ALA B 612 -2.26 5.70 34.90
N GLY B 613 -1.83 6.95 35.10
CA GLY B 613 -0.48 7.23 35.52
C GLY B 613 0.56 7.15 34.43
N LYS B 614 0.16 6.94 33.18
CA LYS B 614 1.10 6.83 32.07
C LYS B 614 0.94 7.94 31.04
N THR B 615 -0.02 8.84 31.23
CA THR B 615 -0.33 9.86 30.26
C THR B 615 -0.61 11.16 30.99
N ASN B 616 -0.52 12.27 30.25
CA ASN B 616 -0.92 13.57 30.78
C ASN B 616 -2.37 13.91 30.47
N PHE B 617 -3.03 13.13 29.62
CA PHE B 617 -4.40 13.43 29.25
C PHE B 617 -5.36 12.97 30.33
N THR B 618 -6.38 13.78 30.60
CA THR B 618 -7.31 13.53 31.71
C THR B 618 -8.71 13.37 31.14
N SER B 619 -9.32 12.21 31.39
CA SER B 619 -10.63 11.87 30.86
C SER B 619 -11.62 11.65 31.99
N ASP B 620 -12.85 12.12 31.80
CA ASP B 620 -13.95 11.82 32.72
C ASP B 620 -15.04 10.97 32.06
N ASN B 621 -14.73 10.32 30.93
CA ASN B 621 -15.75 9.56 30.22
C ASN B 621 -16.05 8.24 30.91
N ILE B 622 -15.09 7.70 31.65
CA ILE B 622 -15.32 6.56 32.54
C ILE B 622 -14.74 6.90 33.90
N PRO B 623 -15.17 6.22 34.95
CA PRO B 623 -14.63 6.51 36.28
C PRO B 623 -13.17 6.11 36.41
N ASN B 624 -12.52 6.74 37.38
CA ASN B 624 -11.20 6.28 37.80
C ASN B 624 -11.31 4.92 38.47
N TRP B 625 -10.16 4.31 38.71
CA TRP B 625 -10.13 3.01 39.35
C TRP B 625 -10.79 3.08 40.72
N ILE B 626 -11.50 2.00 41.08
CA ILE B 626 -12.18 1.78 42.36
C ILE B 626 -12.95 3.01 42.83
N THR B 627 -13.77 3.55 41.95
CA THR B 627 -14.61 4.68 42.30
C THR B 627 -15.88 4.19 42.97
N SER B 628 -16.20 4.79 44.11
CA SER B 628 -17.39 4.42 44.83
C SER B 628 -18.63 4.71 43.98
N SER B 629 -19.62 3.82 44.09
CA SER B 629 -20.86 3.98 43.32
C SER B 629 -21.48 5.34 43.59
N GLU B 630 -21.16 5.89 44.75
CA GLU B 630 -21.77 7.12 45.21
C GLU B 630 -21.22 8.29 44.39
N GLU B 631 -19.88 8.29 44.20
CA GLU B 631 -19.19 9.29 43.40
C GLU B 631 -19.43 9.10 41.90
N VAL B 632 -19.94 7.94 41.46
CA VAL B 632 -20.29 7.73 40.05
C VAL B 632 -21.64 8.40 39.78
N GLU B 633 -22.00 9.38 40.63
CA GLU B 633 -23.07 10.29 40.21
C GLU B 633 -22.64 11.20 39.07
N ARG B 634 -21.34 11.25 38.75
CA ARG B 634 -20.79 12.14 37.73
C ARG B 634 -21.56 12.09 36.42
N THR B 635 -22.43 11.08 36.25
CA THR B 635 -23.15 10.91 34.99
C THR B 635 -24.24 11.97 34.80
N GLY B 642 -25.13 15.97 24.70
CA GLY B 642 -25.02 14.68 24.06
C GLY B 642 -23.71 14.51 23.31
N LEU B 643 -23.41 13.30 22.88
CA LEU B 643 -22.18 13.07 22.16
C LEU B 643 -22.13 13.80 20.81
N SER B 644 -20.97 14.27 20.43
CA SER B 644 -20.85 15.03 19.19
C SER B 644 -21.08 14.30 17.89
N TRP B 645 -21.10 12.99 17.85
CA TRP B 645 -21.33 12.25 16.64
C TRP B 645 -22.69 11.67 16.55
N MET B 646 -23.56 12.06 17.47
CA MET B 646 -24.93 11.63 17.53
C MET B 646 -25.78 12.54 16.67
N PRO B 647 -26.96 12.07 16.20
CA PRO B 647 -27.77 12.86 15.24
C PRO B 647 -27.97 14.34 15.58
N SER B 648 -28.29 14.65 16.83
CA SER B 648 -28.56 16.04 17.20
C SER B 648 -27.32 16.93 17.06
N GLU B 649 -26.15 16.42 17.44
CA GLU B 649 -24.94 17.22 17.37
C GLU B 649 -24.38 17.23 15.94
N GLN B 650 -24.62 16.15 15.19
CA GLN B 650 -24.28 16.09 13.78
C GLN B 650 -25.22 16.91 12.92
N ALA B 651 -26.44 17.18 13.40
CA ALA B 651 -27.36 18.07 12.69
C ALA B 651 -27.00 19.55 12.84
N ARG B 652 -26.23 19.91 13.87
CA ARG B 652 -25.87 21.30 14.12
C ARG B 652 -24.45 21.61 13.66
N LEU B 653 -23.56 20.62 13.69
CA LEU B 653 -22.18 20.82 13.26
C LEU B 653 -22.07 20.90 11.73
N SER B 654 -23.20 20.75 11.03
CA SER B 654 -23.27 20.99 9.60
C SER B 654 -24.39 21.99 9.27
#